data_7K76
#
_entry.id   7K76
#
_cell.length_a   69.390
_cell.length_b   77.320
_cell.length_c   181.150
_cell.angle_alpha   90.00
_cell.angle_beta   90.00
_cell.angle_gamma   90.00
#
_symmetry.space_group_name_H-M   'P 21 21 21'
#
loop_
_entity.id
_entity.type
_entity.pdbx_description
1 polymer 'Heavy chain of MAD2-6 IgG Fab'
2 polymer 'Light chain of MAD2-6 IgG Fab'
3 polymer 'PfCSP N-terminal peptide P17'
4 water water
#
loop_
_entity_poly.entity_id
_entity_poly.type
_entity_poly.pdbx_seq_one_letter_code
_entity_poly.pdbx_strand_id
1 'polypeptide(L)'
;QLQLQESGPGLVKPSETLSLTCSVSGESISNSAYYWAWIRQPPGKALEWIATVYYTGRTYHNPSLKSRVAISMDTSKNQF
SLKLRSVTAADTAVYYCARTGIVVTTPDWFDPWGPGALVTVSAASTKGPSVFPLAPSSKSTSGGTAALGCLVKDYFPEPV
TVSWNSGALTSGVHTFPAVLQSSGLYSLSSVVTVPSSSLGTQTYICNVNHKPSNTKVDKKVEPKSC
;
A,H
2 'polypeptide(L)'
;DIQMTQSPSSLSASVGDRVTITCQASQDIRNYLNWYQQRPGKAPKLLIFDASNLETGVPSRFSGSGSGTHFTFTISSLQP
EDIATYYCQQYGELITFGGGTNVQMKRTVAAPSVFIFPPSDEQLKSGTASVVCLLNNFYPREAKVQWKVDNALQSGNSQE
SVTEQDSKDSTYSLSSTLTLSKADYEKHKVYACEVTHQGLSSPVTKSFNRGEC
;
B,L
3 'polypeptide(L)' KLRKPKHKKLKQPAD P
#
# COMPACT_ATOMS: atom_id res chain seq x y z
N LEU A 2 4.19 -17.90 -18.10
CA LEU A 2 3.74 -17.16 -16.93
C LEU A 2 2.25 -17.35 -16.69
N GLN A 3 1.92 -17.93 -15.53
CA GLN A 3 0.54 -18.22 -15.16
C GLN A 3 0.28 -17.75 -13.75
N LEU A 4 -0.88 -17.13 -13.54
CA LEU A 4 -1.33 -16.72 -12.22
C LEU A 4 -2.62 -17.45 -11.89
N GLN A 5 -2.81 -17.74 -10.60
CA GLN A 5 -3.97 -18.51 -10.17
C GLN A 5 -4.38 -18.04 -8.78
N GLU A 6 -5.62 -17.59 -8.66
CA GLU A 6 -6.16 -17.21 -7.36
C GLU A 6 -6.58 -18.46 -6.59
N SER A 7 -6.69 -18.30 -5.28
CA SER A 7 -7.17 -19.38 -4.42
C SER A 7 -7.68 -18.76 -3.13
N GLY A 8 -8.94 -18.98 -2.81
CA GLY A 8 -9.52 -18.41 -1.61
C GLY A 8 -10.88 -18.98 -1.29
N PRO A 9 -11.51 -18.48 -0.23
CA PRO A 9 -12.79 -19.04 0.22
C PRO A 9 -13.92 -18.49 -0.63
N GLY A 10 -14.77 -19.39 -1.13
CA GLY A 10 -15.96 -18.94 -1.84
C GLY A 10 -16.84 -18.07 -0.96
N LEU A 11 -17.06 -18.48 0.27
CA LEU A 11 -17.90 -17.77 1.22
C LEU A 11 -17.04 -17.07 2.26
N VAL A 12 -17.49 -15.89 2.67
CA VAL A 12 -16.93 -15.16 3.81
C VAL A 12 -18.10 -14.54 4.56
N LYS A 13 -18.16 -14.79 5.87
CA LYS A 13 -19.27 -14.26 6.64
C LYS A 13 -19.13 -12.75 6.81
N PRO A 14 -20.25 -12.03 6.88
CA PRO A 14 -20.18 -10.57 7.07
C PRO A 14 -19.36 -10.21 8.31
N SER A 15 -18.66 -9.08 8.21
CA SER A 15 -17.79 -8.54 9.26
C SER A 15 -16.47 -9.30 9.40
N GLU A 16 -16.34 -10.46 8.75
CA GLU A 16 -15.13 -11.24 8.86
C GLU A 16 -14.14 -10.83 7.76
N THR A 17 -12.99 -11.50 7.73
CA THR A 17 -11.88 -11.09 6.87
C THR A 17 -11.83 -11.97 5.63
N LEU A 18 -11.94 -11.35 4.46
CA LEU A 18 -11.64 -12.02 3.20
C LEU A 18 -10.14 -12.25 3.09
N SER A 19 -9.75 -13.43 2.62
CA SER A 19 -8.34 -13.76 2.46
C SER A 19 -8.15 -14.55 1.18
N LEU A 20 -7.30 -14.05 0.28
CA LEU A 20 -7.01 -14.73 -0.97
C LEU A 20 -5.52 -14.84 -1.18
N THR A 21 -5.12 -15.76 -2.06
CA THR A 21 -3.73 -15.96 -2.41
C THR A 21 -3.62 -16.21 -3.90
N CYS A 22 -2.67 -15.56 -4.55
CA CYS A 22 -2.33 -15.82 -5.93
C CYS A 22 -0.98 -16.51 -6.01
N SER A 23 -0.95 -17.65 -6.70
CA SER A 23 0.28 -18.39 -6.93
C SER A 23 0.76 -18.12 -8.35
N VAL A 24 2.06 -17.86 -8.49
CA VAL A 24 2.65 -17.44 -9.75
C VAL A 24 3.67 -18.48 -10.18
N SER A 25 3.56 -18.93 -11.42
CA SER A 25 4.53 -19.84 -12.03
C SER A 25 4.99 -19.24 -13.35
N GLY A 26 6.28 -19.39 -13.66
CA GLY A 26 6.85 -18.83 -14.85
C GLY A 26 7.58 -17.52 -14.66
N GLU A 27 7.53 -16.95 -13.46
CA GLU A 27 8.21 -15.69 -13.17
C GLU A 27 8.32 -15.56 -11.66
N SER A 28 9.44 -15.01 -11.20
CA SER A 28 9.67 -14.79 -9.78
C SER A 28 9.06 -13.44 -9.37
N ILE A 29 8.24 -13.47 -8.32
CA ILE A 29 7.67 -12.22 -7.80
C ILE A 29 8.71 -11.39 -7.07
N SER A 30 9.87 -11.96 -6.75
N SER A 30 9.87 -11.97 -6.75
CA SER A 30 10.97 -11.19 -6.19
CA SER A 30 10.98 -11.21 -6.19
C SER A 30 11.77 -10.45 -7.25
C SER A 30 11.77 -10.46 -7.25
N ASN A 31 11.51 -10.74 -8.53
CA ASN A 31 12.19 -10.03 -9.61
C ASN A 31 11.83 -8.54 -9.55
N SER A 32 12.85 -7.69 -9.48
CA SER A 32 12.65 -6.26 -9.37
C SER A 32 12.00 -5.63 -10.59
N ALA A 33 11.76 -6.40 -11.65
CA ALA A 33 11.24 -5.83 -12.89
C ALA A 33 9.72 -5.71 -12.91
N TYR A 34 9.01 -6.29 -11.95
CA TYR A 34 7.55 -6.34 -12.02
C TYR A 34 6.94 -6.07 -10.66
N TYR A 35 5.69 -5.61 -10.69
CA TYR A 35 4.83 -5.46 -9.53
C TYR A 35 3.69 -6.47 -9.61
N TRP A 36 2.95 -6.60 -8.51
CA TRP A 36 1.91 -7.62 -8.40
C TRP A 36 0.70 -7.05 -7.69
N ALA A 37 -0.45 -7.06 -8.34
CA ALA A 37 -1.61 -6.31 -7.90
C ALA A 37 -2.84 -7.21 -7.80
N TRP A 38 -3.83 -6.70 -7.09
CA TRP A 38 -5.14 -7.31 -6.96
C TRP A 38 -6.21 -6.37 -7.50
N ILE A 39 -7.13 -6.93 -8.29
CA ILE A 39 -8.26 -6.18 -8.85
C ILE A 39 -9.53 -6.99 -8.56
N ARG A 40 -10.63 -6.29 -8.29
CA ARG A 40 -11.90 -6.94 -8.06
C ARG A 40 -12.97 -6.37 -8.99
N GLN A 41 -14.11 -7.07 -9.06
CA GLN A 41 -15.19 -6.69 -9.96
C GLN A 41 -16.50 -7.24 -9.40
N PRO A 42 -17.32 -6.40 -8.78
CA PRO A 42 -18.63 -6.87 -8.33
C PRO A 42 -19.47 -7.28 -9.52
N PRO A 43 -20.42 -8.19 -9.33
CA PRO A 43 -21.23 -8.67 -10.46
C PRO A 43 -21.98 -7.53 -11.16
N GLY A 44 -21.80 -7.45 -12.47
CA GLY A 44 -22.46 -6.43 -13.26
C GLY A 44 -21.90 -5.03 -13.11
N LYS A 45 -20.75 -4.87 -12.46
CA LYS A 45 -20.18 -3.55 -12.20
C LYS A 45 -18.77 -3.48 -12.78
N ALA A 46 -18.14 -2.32 -12.63
CA ALA A 46 -16.86 -2.06 -13.28
C ALA A 46 -15.71 -2.64 -12.50
N LEU A 47 -14.57 -2.78 -13.18
CA LEU A 47 -13.34 -3.22 -12.52
C LEU A 47 -12.88 -2.18 -11.52
N GLU A 48 -12.33 -2.65 -10.40
CA GLU A 48 -11.82 -1.77 -9.36
C GLU A 48 -10.49 -2.31 -8.88
N TRP A 49 -9.43 -1.52 -9.02
CA TRP A 49 -8.11 -1.91 -8.53
C TRP A 49 -8.05 -1.74 -7.01
N ILE A 50 -7.44 -2.72 -6.34
CA ILE A 50 -7.41 -2.74 -4.88
C ILE A 50 -6.05 -2.26 -4.37
N ALA A 51 -4.99 -3.00 -4.70
CA ALA A 51 -3.67 -2.69 -4.15
C ALA A 51 -2.60 -3.36 -5.00
N THR A 52 -1.38 -2.85 -4.88
CA THR A 52 -0.21 -3.36 -5.57
C THR A 52 0.94 -3.49 -4.59
N VAL A 53 1.71 -4.56 -4.72
CA VAL A 53 2.83 -4.83 -3.82
C VAL A 53 4.10 -5.07 -4.63
N TYR A 54 5.23 -4.62 -4.06
CA TYR A 54 6.54 -4.74 -4.67
C TYR A 54 7.43 -5.59 -3.75
N TYR A 55 8.48 -6.17 -4.33
CA TYR A 55 9.33 -7.08 -3.57
C TYR A 55 10.02 -6.39 -2.40
N THR A 56 10.31 -5.09 -2.52
CA THR A 56 10.92 -4.36 -1.42
C THR A 56 9.97 -4.20 -0.24
N GLY A 57 8.67 -4.33 -0.46
CA GLY A 57 7.67 -4.03 0.54
C GLY A 57 6.86 -2.78 0.23
N ARG A 58 7.27 -2.01 -0.77
CA ARG A 58 6.49 -0.86 -1.19
C ARG A 58 5.12 -1.29 -1.67
N THR A 59 4.09 -0.54 -1.27
CA THR A 59 2.72 -0.87 -1.61
C THR A 59 1.98 0.35 -2.12
N TYR A 60 1.08 0.11 -3.05
CA TYR A 60 0.09 1.09 -3.49
C TYR A 60 -1.29 0.61 -3.07
N HIS A 61 -2.15 1.53 -2.67
CA HIS A 61 -3.48 1.19 -2.17
C HIS A 61 -4.54 2.05 -2.84
N ASN A 62 -5.68 1.44 -3.15
CA ASN A 62 -6.88 2.22 -3.47
C ASN A 62 -7.29 2.99 -2.23
N PRO A 63 -7.36 4.32 -2.28
CA PRO A 63 -7.65 5.09 -1.06
C PRO A 63 -8.99 4.74 -0.42
N SER A 64 -9.97 4.28 -1.21
CA SER A 64 -11.26 3.91 -0.66
C SER A 64 -11.22 2.60 0.12
N LEU A 65 -10.12 1.85 0.05
CA LEU A 65 -10.03 0.55 0.68
C LEU A 65 -8.84 0.38 1.60
N LYS A 66 -7.96 1.38 1.72
CA LYS A 66 -6.69 1.18 2.40
C LYS A 66 -6.89 0.75 3.85
N SER A 67 -7.84 1.37 4.56
CA SER A 67 -8.03 1.08 5.97
C SER A 67 -8.48 -0.35 6.24
N ARG A 68 -8.92 -1.08 5.21
CA ARG A 68 -9.37 -2.46 5.37
C ARG A 68 -8.49 -3.47 4.65
N VAL A 69 -7.48 -3.02 3.92
CA VAL A 69 -6.73 -3.87 3.01
C VAL A 69 -5.36 -4.19 3.61
N ALA A 70 -4.94 -5.45 3.45
CA ALA A 70 -3.59 -5.88 3.75
C ALA A 70 -3.08 -6.72 2.58
N ILE A 71 -2.04 -6.24 1.91
CA ILE A 71 -1.42 -6.96 0.81
C ILE A 71 0.00 -7.31 1.21
N SER A 72 0.40 -8.56 0.98
CA SER A 72 1.68 -9.06 1.43
C SER A 72 2.25 -10.01 0.39
N MET A 73 3.56 -10.23 0.49
CA MET A 73 4.30 -11.10 -0.41
C MET A 73 5.01 -12.17 0.39
N ASP A 74 5.13 -13.37 -0.20
CA ASP A 74 5.87 -14.48 0.39
C ASP A 74 6.91 -14.92 -0.63
N THR A 75 8.16 -14.50 -0.41
CA THR A 75 9.26 -14.90 -1.29
C THR A 75 9.40 -16.41 -1.38
N SER A 76 9.13 -17.13 -0.29
CA SER A 76 9.41 -18.56 -0.24
C SER A 76 8.53 -19.33 -1.23
N LYS A 77 7.22 -19.08 -1.20
CA LYS A 77 6.27 -19.85 -1.99
C LYS A 77 5.95 -19.19 -3.33
N ASN A 78 6.63 -18.10 -3.68
CA ASN A 78 6.32 -17.34 -4.89
C ASN A 78 4.83 -16.98 -4.95
N GLN A 79 4.30 -16.54 -3.81
CA GLN A 79 2.89 -16.18 -3.69
C GLN A 79 2.77 -14.80 -3.08
N PHE A 80 1.66 -14.13 -3.37
CA PHE A 80 1.29 -12.91 -2.68
C PHE A 80 -0.18 -12.95 -2.33
N SER A 81 -0.53 -12.30 -1.22
CA SER A 81 -1.82 -12.47 -0.58
C SER A 81 -2.58 -11.14 -0.53
N LEU A 82 -3.89 -11.24 -0.29
CA LEU A 82 -4.73 -10.09 -0.04
C LEU A 82 -5.66 -10.41 1.12
N LYS A 83 -5.84 -9.44 2.02
CA LYS A 83 -6.78 -9.54 3.12
C LYS A 83 -7.65 -8.30 3.14
N LEU A 84 -8.96 -8.49 3.18
CA LEU A 84 -9.93 -7.40 3.24
C LEU A 84 -10.78 -7.61 4.49
N ARG A 85 -10.68 -6.70 5.45
CA ARG A 85 -11.34 -6.83 6.74
C ARG A 85 -12.73 -6.22 6.71
N SER A 86 -13.58 -6.71 7.61
CA SER A 86 -14.92 -6.16 7.84
C SER A 86 -15.74 -6.09 6.55
N VAL A 87 -15.83 -7.23 5.87
CA VAL A 87 -16.51 -7.27 4.58
C VAL A 87 -18.01 -7.09 4.77
N THR A 88 -18.65 -6.46 3.78
CA THR A 88 -20.09 -6.36 3.68
C THR A 88 -20.53 -6.92 2.33
N ALA A 89 -21.82 -6.74 2.01
CA ALA A 89 -22.33 -7.21 0.73
C ALA A 89 -21.66 -6.50 -0.44
N ALA A 90 -21.17 -5.27 -0.22
CA ALA A 90 -20.49 -4.53 -1.27
C ALA A 90 -19.17 -5.14 -1.67
N ASP A 91 -18.63 -6.08 -0.90
CA ASP A 91 -17.36 -6.73 -1.20
C ASP A 91 -17.53 -8.03 -1.97
N THR A 92 -18.76 -8.48 -2.19
CA THR A 92 -19.01 -9.64 -3.04
C THR A 92 -18.58 -9.32 -4.47
N ALA A 93 -17.55 -10.02 -4.96
CA ALA A 93 -16.97 -9.69 -6.24
C ALA A 93 -16.04 -10.81 -6.69
N VAL A 94 -15.75 -10.81 -7.99
CA VAL A 94 -14.66 -11.61 -8.52
C VAL A 94 -13.36 -10.87 -8.28
N TYR A 95 -12.38 -11.54 -7.68
CA TYR A 95 -11.09 -10.95 -7.37
C TYR A 95 -10.02 -11.55 -8.27
N TYR A 96 -9.29 -10.70 -8.98
CA TYR A 96 -8.26 -11.11 -9.91
C TYR A 96 -6.89 -10.77 -9.36
N CYS A 97 -5.90 -11.62 -9.63
CA CYS A 97 -4.51 -11.21 -9.47
C CYS A 97 -3.93 -10.93 -10.84
N ALA A 98 -2.86 -10.13 -10.86
CA ALA A 98 -2.31 -9.66 -12.12
C ALA A 98 -0.88 -9.17 -11.91
N ARG A 99 -0.14 -9.16 -13.01
CA ARG A 99 1.20 -8.62 -13.04
C ARG A 99 1.17 -7.24 -13.69
N THR A 100 1.92 -6.30 -13.12
CA THR A 100 1.99 -4.95 -13.66
C THR A 100 3.44 -4.47 -13.57
N GLY A 101 3.65 -3.21 -13.95
CA GLY A 101 5.01 -2.71 -14.13
C GLY A 101 5.69 -3.31 -15.34
N ILE A 102 4.97 -3.41 -16.46
CA ILE A 102 5.48 -4.15 -17.61
C ILE A 102 6.59 -3.38 -18.32
N VAL A 103 6.40 -2.07 -18.51
CA VAL A 103 7.35 -1.22 -19.19
C VAL A 103 7.85 -0.09 -18.29
N VAL A 104 6.93 0.57 -17.60
CA VAL A 104 7.29 1.60 -16.63
C VAL A 104 7.95 0.97 -15.41
N THR A 105 8.76 1.76 -14.71
CA THR A 105 9.34 1.31 -13.45
C THR A 105 8.34 1.28 -12.31
N THR A 106 7.10 1.69 -12.55
CA THR A 106 6.01 1.68 -11.60
C THR A 106 4.78 1.10 -12.29
N PRO A 107 3.73 0.75 -11.54
CA PRO A 107 2.56 0.12 -12.15
C PRO A 107 2.03 0.89 -13.35
N ASP A 108 1.80 0.16 -14.45
CA ASP A 108 1.28 0.77 -15.67
C ASP A 108 -0.01 0.09 -16.13
N TRP A 109 0.09 -1.13 -16.67
CA TRP A 109 -1.08 -1.91 -17.05
C TRP A 109 -0.93 -3.32 -16.51
N PHE A 110 -2.00 -4.11 -16.66
CA PHE A 110 -2.10 -5.43 -16.06
C PHE A 110 -2.05 -6.50 -17.15
N ASP A 111 -1.02 -7.35 -17.10
CA ASP A 111 -0.85 -8.46 -18.02
C ASP A 111 0.22 -9.42 -17.51
N PRO A 112 -0.11 -10.71 -17.33
CA PRO A 112 -1.45 -11.25 -17.52
C PRO A 112 -2.29 -11.22 -16.25
N TRP A 113 -3.50 -11.75 -16.33
CA TRP A 113 -4.39 -11.86 -15.19
C TRP A 113 -4.55 -13.32 -14.78
N GLY A 114 -4.98 -13.52 -13.54
CA GLY A 114 -5.44 -14.81 -13.11
C GLY A 114 -6.84 -15.06 -13.62
N PRO A 115 -7.36 -16.27 -13.44
CA PRO A 115 -8.73 -16.54 -13.91
C PRO A 115 -9.79 -15.83 -13.10
N GLY A 116 -9.50 -15.48 -11.84
CA GLY A 116 -10.45 -14.79 -11.00
C GLY A 116 -11.19 -15.72 -10.05
N ALA A 117 -11.40 -15.27 -8.82
CA ALA A 117 -12.08 -16.06 -7.81
C ALA A 117 -13.25 -15.26 -7.27
N LEU A 118 -14.45 -15.81 -7.37
CA LEU A 118 -15.65 -15.13 -6.86
C LEU A 118 -15.75 -15.37 -5.36
N VAL A 119 -15.84 -14.28 -4.60
CA VAL A 119 -16.01 -14.35 -3.15
C VAL A 119 -17.38 -13.76 -2.81
N THR A 120 -18.23 -14.57 -2.19
CA THR A 120 -19.57 -14.17 -1.81
C THR A 120 -19.61 -13.89 -0.31
N VAL A 121 -20.13 -12.72 0.06
CA VAL A 121 -20.30 -12.33 1.45
C VAL A 121 -21.73 -12.67 1.85
N SER A 122 -21.88 -13.66 2.73
CA SER A 122 -23.20 -14.08 3.18
C SER A 122 -23.04 -14.93 4.44
N ALA A 123 -24.10 -14.96 5.24
CA ALA A 123 -24.13 -15.75 6.46
C ALA A 123 -24.59 -17.19 6.22
N ALA A 124 -25.14 -17.48 5.05
CA ALA A 124 -25.61 -18.82 4.74
C ALA A 124 -24.44 -19.79 4.66
N SER A 125 -24.77 -21.07 4.52
CA SER A 125 -23.77 -22.13 4.47
C SER A 125 -23.57 -22.63 3.05
N THR A 126 -22.41 -23.23 2.82
CA THR A 126 -22.06 -23.76 1.51
C THR A 126 -22.81 -25.06 1.25
N LYS A 127 -23.31 -25.22 0.02
CA LYS A 127 -24.04 -26.42 -0.37
C LYS A 127 -23.65 -26.80 -1.79
N GLY A 128 -23.23 -28.05 -1.95
CA GLY A 128 -22.87 -28.56 -3.26
C GLY A 128 -24.10 -28.87 -4.09
N PRO A 129 -23.94 -28.90 -5.40
CA PRO A 129 -25.09 -29.10 -6.30
C PRO A 129 -25.42 -30.56 -6.55
N SER A 130 -26.71 -30.80 -6.80
CA SER A 130 -27.17 -32.04 -7.39
C SER A 130 -27.13 -31.89 -8.91
N VAL A 131 -26.74 -32.95 -9.60
CA VAL A 131 -26.62 -32.95 -11.05
C VAL A 131 -27.53 -34.03 -11.61
N PHE A 132 -28.45 -33.62 -12.48
CA PHE A 132 -29.40 -34.53 -13.11
C PHE A 132 -29.31 -34.43 -14.62
N PRO A 133 -29.44 -35.54 -15.33
CA PRO A 133 -29.31 -35.50 -16.79
C PRO A 133 -30.54 -34.93 -17.48
N LEU A 134 -30.29 -34.25 -18.59
CA LEU A 134 -31.34 -33.81 -19.51
C LEU A 134 -31.22 -34.70 -20.74
N ALA A 135 -31.97 -35.80 -20.73
CA ALA A 135 -31.74 -36.86 -21.70
C ALA A 135 -32.24 -36.46 -23.07
N PRO A 136 -31.52 -36.81 -24.14
CA PRO A 136 -32.06 -36.65 -25.48
C PRO A 136 -33.15 -37.68 -25.74
N SER A 137 -34.12 -37.29 -26.55
CA SER A 137 -35.28 -38.12 -26.81
C SER A 137 -35.87 -37.70 -28.16
N SER A 138 -37.03 -38.26 -28.50
CA SER A 138 -37.72 -37.81 -29.70
C SER A 138 -38.21 -36.38 -29.55
N LYS A 139 -38.50 -35.96 -28.32
CA LYS A 139 -38.90 -34.58 -28.05
C LYS A 139 -37.74 -33.62 -28.02
N SER A 140 -36.52 -34.08 -28.28
CA SER A 140 -35.32 -33.24 -28.25
C SER A 140 -34.55 -33.33 -29.56
N THR A 141 -35.26 -33.42 -30.68
CA THR A 141 -34.65 -33.39 -32.00
C THR A 141 -35.33 -32.33 -32.86
N SER A 142 -34.73 -32.08 -34.02
CA SER A 142 -35.27 -31.10 -34.96
C SER A 142 -35.11 -31.60 -36.39
N GLY A 143 -33.87 -31.67 -36.87
CA GLY A 143 -33.59 -32.18 -38.20
C GLY A 143 -32.19 -32.78 -38.26
N GLY A 144 -32.04 -33.98 -37.72
CA GLY A 144 -30.74 -34.57 -37.52
C GLY A 144 -30.00 -34.08 -36.29
N THR A 145 -30.46 -33.01 -35.67
CA THR A 145 -29.86 -32.45 -34.47
C THR A 145 -30.58 -32.97 -33.23
N ALA A 146 -29.83 -33.27 -32.19
CA ALA A 146 -30.38 -33.70 -30.91
C ALA A 146 -29.84 -32.82 -29.81
N ALA A 147 -30.69 -32.47 -28.84
CA ALA A 147 -30.33 -31.63 -27.72
C ALA A 147 -30.30 -32.47 -26.44
N LEU A 148 -29.24 -32.30 -25.65
CA LEU A 148 -29.13 -32.94 -24.34
C LEU A 148 -28.41 -31.97 -23.42
N GLY A 149 -28.35 -32.32 -22.14
CA GLY A 149 -27.68 -31.45 -21.20
C GLY A 149 -27.70 -31.99 -19.78
N CYS A 150 -27.38 -31.11 -18.85
CA CYS A 150 -27.32 -31.43 -17.43
C CYS A 150 -27.96 -30.31 -16.63
N LEU A 151 -28.76 -30.71 -15.63
CA LEU A 151 -29.37 -29.76 -14.70
C LEU A 151 -28.55 -29.74 -13.41
N VAL A 152 -28.03 -28.57 -13.07
CA VAL A 152 -27.19 -28.38 -11.89
C VAL A 152 -28.01 -27.58 -10.89
N LYS A 153 -28.52 -28.25 -9.86
CA LYS A 153 -29.58 -27.71 -9.02
C LYS A 153 -29.16 -27.62 -7.57
N ASP A 154 -29.59 -26.53 -6.91
CA ASP A 154 -29.53 -26.36 -5.46
C ASP A 154 -28.11 -26.31 -4.92
N TYR A 155 -27.38 -25.24 -5.25
CA TYR A 155 -26.03 -25.05 -4.74
C TYR A 155 -25.87 -23.63 -4.26
N PHE A 156 -24.87 -23.43 -3.39
CA PHE A 156 -24.55 -22.12 -2.85
C PHE A 156 -23.14 -22.15 -2.28
N PRO A 157 -22.33 -21.13 -2.52
CA PRO A 157 -22.70 -20.01 -3.39
C PRO A 157 -22.31 -20.27 -4.83
N GLU A 158 -22.44 -19.24 -5.68
CA GLU A 158 -21.85 -19.29 -7.00
C GLU A 158 -20.33 -19.33 -6.86
N PRO A 159 -19.61 -19.81 -7.89
CA PRO A 159 -20.10 -20.27 -9.18
C PRO A 159 -19.97 -21.77 -9.41
N VAL A 160 -20.54 -22.23 -10.51
CA VAL A 160 -20.39 -23.59 -11.00
C VAL A 160 -19.87 -23.51 -12.43
N THR A 161 -18.88 -24.33 -12.74
CA THR A 161 -18.34 -24.45 -14.09
C THR A 161 -18.73 -25.80 -14.67
N VAL A 162 -19.05 -25.82 -15.97
CA VAL A 162 -19.47 -27.03 -16.65
C VAL A 162 -18.64 -27.20 -17.91
N SER A 163 -18.08 -28.39 -18.09
CA SER A 163 -17.47 -28.81 -19.34
C SER A 163 -18.14 -30.08 -19.82
N TRP A 164 -17.93 -30.41 -21.09
CA TRP A 164 -18.50 -31.61 -21.69
C TRP A 164 -17.38 -32.48 -22.25
N ASN A 165 -17.36 -33.74 -21.82
CA ASN A 165 -16.33 -34.70 -22.21
C ASN A 165 -14.94 -34.17 -21.88
N SER A 166 -14.80 -33.65 -20.65
CA SER A 166 -13.53 -33.14 -20.14
C SER A 166 -12.94 -32.06 -21.05
N GLY A 167 -13.81 -31.19 -21.58
CA GLY A 167 -13.39 -30.11 -22.44
C GLY A 167 -13.23 -30.45 -23.89
N ALA A 168 -13.39 -31.73 -24.26
CA ALA A 168 -13.26 -32.13 -25.66
C ALA A 168 -14.44 -31.67 -26.51
N LEU A 169 -15.58 -31.39 -25.90
CA LEU A 169 -16.78 -30.98 -26.61
C LEU A 169 -17.10 -29.54 -26.21
N THR A 170 -16.87 -28.60 -27.13
CA THR A 170 -17.17 -27.20 -26.91
C THR A 170 -18.14 -26.61 -27.93
N SER A 171 -18.24 -27.19 -29.13
CA SER A 171 -19.11 -26.64 -30.16
C SER A 171 -20.57 -26.93 -29.84
N GLY A 172 -21.41 -25.90 -29.91
CA GLY A 172 -22.82 -26.05 -29.63
C GLY A 172 -23.19 -26.17 -28.18
N VAL A 173 -22.29 -25.84 -27.27
CA VAL A 173 -22.54 -25.91 -25.83
C VAL A 173 -23.07 -24.57 -25.36
N HIS A 174 -24.16 -24.61 -24.58
CA HIS A 174 -24.73 -23.42 -23.94
C HIS A 174 -24.88 -23.72 -22.46
N THR A 175 -24.08 -23.05 -21.63
CA THR A 175 -24.22 -23.12 -20.19
C THR A 175 -24.87 -21.81 -19.72
N PHE A 176 -26.06 -21.93 -19.14
CA PHE A 176 -26.87 -20.76 -18.85
C PHE A 176 -26.45 -20.10 -17.53
N PRO A 177 -26.63 -18.79 -17.42
CA PRO A 177 -26.42 -18.14 -16.12
C PRO A 177 -27.33 -18.74 -15.06
N ALA A 178 -26.80 -18.85 -13.85
CA ALA A 178 -27.58 -19.39 -12.75
C ALA A 178 -28.71 -18.45 -12.37
N VAL A 179 -29.78 -19.02 -11.84
CA VAL A 179 -30.91 -18.25 -11.31
C VAL A 179 -31.03 -18.55 -9.83
N LEU A 180 -31.36 -17.51 -9.06
CA LEU A 180 -31.54 -17.66 -7.62
C LEU A 180 -32.95 -18.14 -7.32
N GLN A 181 -33.07 -19.33 -6.77
CA GLN A 181 -34.38 -19.92 -6.49
C GLN A 181 -34.98 -19.32 -5.22
N SER A 182 -36.26 -19.63 -5.00
CA SER A 182 -36.95 -19.13 -3.81
C SER A 182 -36.33 -19.64 -2.52
N SER A 183 -35.63 -20.78 -2.57
CA SER A 183 -34.97 -21.35 -1.40
C SER A 183 -33.65 -20.68 -1.07
N GLY A 184 -33.24 -19.67 -1.83
CA GLY A 184 -31.93 -19.07 -1.64
C GLY A 184 -30.79 -19.86 -2.23
N LEU A 185 -31.08 -20.90 -3.00
CA LEU A 185 -30.07 -21.72 -3.67
C LEU A 185 -30.08 -21.43 -5.16
N TYR A 186 -28.93 -21.63 -5.79
CA TYR A 186 -28.80 -21.39 -7.22
C TYR A 186 -29.07 -22.66 -8.01
N SER A 187 -29.36 -22.48 -9.29
CA SER A 187 -29.64 -23.58 -10.20
C SER A 187 -29.37 -23.11 -11.62
N LEU A 188 -28.73 -23.98 -12.41
CA LEU A 188 -28.50 -23.67 -13.82
C LEU A 188 -28.53 -24.97 -14.62
N SER A 189 -28.50 -24.82 -15.94
CA SER A 189 -28.44 -25.95 -16.85
C SER A 189 -27.41 -25.67 -17.93
N SER A 190 -26.76 -26.74 -18.38
CA SER A 190 -25.83 -26.68 -19.50
C SER A 190 -26.32 -27.65 -20.57
N VAL A 191 -26.40 -27.18 -21.81
CA VAL A 191 -26.94 -27.98 -22.90
C VAL A 191 -25.94 -28.00 -24.05
N VAL A 192 -26.14 -28.96 -24.96
CA VAL A 192 -25.31 -29.10 -26.14
C VAL A 192 -26.14 -29.79 -27.22
N THR A 193 -25.99 -29.30 -28.46
CA THR A 193 -26.66 -29.91 -29.61
C THR A 193 -25.67 -30.78 -30.35
N VAL A 194 -26.06 -32.04 -30.60
CA VAL A 194 -25.20 -33.00 -31.29
C VAL A 194 -26.01 -33.66 -32.39
N PRO A 195 -25.33 -34.21 -33.40
CA PRO A 195 -26.05 -34.99 -34.42
C PRO A 195 -26.71 -36.20 -33.80
N SER A 196 -27.96 -36.45 -34.21
CA SER A 196 -28.68 -37.61 -33.71
C SER A 196 -28.04 -38.92 -34.15
N SER A 197 -27.22 -38.88 -35.22
CA SER A 197 -26.45 -40.05 -35.60
C SER A 197 -25.53 -40.51 -34.48
N SER A 198 -25.08 -39.59 -33.64
CA SER A 198 -24.06 -39.88 -32.64
C SER A 198 -24.62 -40.34 -31.31
N LEU A 199 -25.95 -40.34 -31.13
CA LEU A 199 -26.51 -40.65 -29.81
C LEU A 199 -26.23 -42.10 -29.41
N GLY A 200 -26.28 -43.02 -30.37
CA GLY A 200 -25.99 -44.41 -30.05
C GLY A 200 -24.51 -44.74 -30.00
N THR A 201 -23.66 -43.89 -30.54
CA THR A 201 -22.24 -44.18 -30.70
C THR A 201 -21.33 -43.39 -29.77
N GLN A 202 -21.61 -42.10 -29.54
CA GLN A 202 -20.71 -41.24 -28.79
C GLN A 202 -21.21 -41.05 -27.36
N THR A 203 -20.28 -41.15 -26.40
CA THR A 203 -20.59 -40.95 -25.00
C THR A 203 -20.55 -39.46 -24.67
N TYR A 204 -21.56 -39.00 -23.92
CA TYR A 204 -21.68 -37.60 -23.52
C TYR A 204 -21.70 -37.51 -22.00
N ILE A 205 -20.76 -36.74 -21.45
CA ILE A 205 -20.62 -36.58 -20.01
C ILE A 205 -20.43 -35.09 -19.72
N CYS A 206 -21.22 -34.57 -18.79
CA CYS A 206 -21.01 -33.22 -18.30
C CYS A 206 -20.17 -33.27 -17.03
N ASN A 207 -19.19 -32.38 -16.95
CA ASN A 207 -18.28 -32.30 -15.80
C ASN A 207 -18.60 -31.03 -15.02
N VAL A 208 -19.24 -31.20 -13.86
CA VAL A 208 -19.71 -30.10 -13.04
C VAL A 208 -18.73 -29.90 -11.89
N ASN A 209 -18.19 -28.69 -11.79
CA ASN A 209 -17.25 -28.34 -10.73
C ASN A 209 -17.84 -27.22 -9.89
N HIS A 210 -17.89 -27.42 -8.57
CA HIS A 210 -18.35 -26.41 -7.61
C HIS A 210 -17.24 -26.24 -6.56
N LYS A 211 -16.26 -25.39 -6.90
CA LYS A 211 -15.13 -25.18 -6.01
C LYS A 211 -15.49 -24.65 -4.62
N PRO A 212 -16.51 -23.79 -4.44
CA PRO A 212 -16.85 -23.36 -3.07
C PRO A 212 -17.08 -24.50 -2.09
N SER A 213 -17.72 -25.59 -2.54
CA SER A 213 -17.93 -26.76 -1.69
C SER A 213 -16.89 -27.84 -1.93
N ASN A 214 -15.97 -27.62 -2.88
CA ASN A 214 -14.94 -28.61 -3.21
C ASN A 214 -15.55 -29.95 -3.62
N THR A 215 -16.53 -29.89 -4.52
CA THR A 215 -17.21 -31.07 -5.01
C THR A 215 -17.28 -31.04 -6.53
N LYS A 216 -17.28 -32.23 -7.13
CA LYS A 216 -17.42 -32.39 -8.56
C LYS A 216 -18.43 -33.50 -8.84
N VAL A 217 -19.06 -33.42 -10.02
CA VAL A 217 -19.94 -34.48 -10.50
C VAL A 217 -19.68 -34.68 -11.99
N ASP A 218 -19.40 -35.92 -12.38
CA ASP A 218 -19.31 -36.32 -13.78
C ASP A 218 -20.54 -37.17 -14.08
N LYS A 219 -21.47 -36.61 -14.85
CA LYS A 219 -22.76 -37.26 -15.12
C LYS A 219 -22.82 -37.70 -16.57
N LYS A 220 -22.95 -39.00 -16.79
CA LYS A 220 -23.16 -39.55 -18.13
C LYS A 220 -24.60 -39.34 -18.53
N VAL A 221 -24.82 -38.73 -19.69
CA VAL A 221 -26.15 -38.44 -20.20
C VAL A 221 -26.44 -39.42 -21.32
N GLU A 222 -27.36 -40.38 -21.05
CA GLU A 222 -27.74 -41.44 -21.96
C GLU A 222 -29.06 -41.11 -22.65
N PRO A 223 -29.30 -41.65 -23.84
CA PRO A 223 -30.60 -41.47 -24.50
C PRO A 223 -31.73 -42.04 -23.67
N LYS A 224 -32.92 -41.48 -23.88
CA LYS A 224 -34.10 -41.90 -23.14
C LYS A 224 -34.52 -43.32 -23.51
N ASP B 1 -8.72 9.60 -7.21
CA ASP B 1 -8.59 11.04 -7.41
C ASP B 1 -8.79 11.42 -8.87
N ILE B 2 -8.22 10.61 -9.77
CA ILE B 2 -8.39 10.80 -11.21
C ILE B 2 -9.52 9.88 -11.67
N GLN B 3 -10.61 10.48 -12.15
CA GLN B 3 -11.77 9.73 -12.61
C GLN B 3 -11.75 9.63 -14.13
N MET B 4 -12.06 8.44 -14.63
CA MET B 4 -12.20 8.20 -16.07
C MET B 4 -13.68 8.11 -16.41
N THR B 5 -14.13 8.96 -17.34
CA THR B 5 -15.52 8.98 -17.78
C THR B 5 -15.61 8.23 -19.11
N GLN B 6 -16.07 6.98 -19.05
CA GLN B 6 -16.21 6.14 -20.23
C GLN B 6 -17.61 6.30 -20.80
N SER B 7 -17.68 6.45 -22.13
CA SER B 7 -18.95 6.65 -22.82
C SER B 7 -18.84 6.05 -24.21
N PRO B 8 -19.89 5.39 -24.72
CA PRO B 8 -21.17 5.17 -24.02
C PRO B 8 -21.12 4.01 -23.02
N SER B 9 -22.21 3.83 -22.26
CA SER B 9 -22.27 2.74 -21.30
C SER B 9 -22.51 1.40 -22.01
N SER B 10 -23.23 1.42 -23.12
CA SER B 10 -23.47 0.23 -23.92
C SER B 10 -23.84 0.67 -25.32
N LEU B 11 -23.68 -0.24 -26.27
CA LEU B 11 -24.01 0.06 -27.66
C LEU B 11 -24.23 -1.24 -28.42
N SER B 12 -24.97 -1.13 -29.52
CA SER B 12 -25.24 -2.25 -30.41
C SER B 12 -24.96 -1.84 -31.85
N ALA B 13 -24.34 -2.74 -32.61
CA ALA B 13 -24.05 -2.49 -34.01
C ALA B 13 -24.03 -3.82 -34.75
N SER B 14 -24.08 -3.74 -36.07
CA SER B 14 -24.10 -4.94 -36.90
C SER B 14 -22.68 -5.33 -37.31
N VAL B 15 -22.56 -6.53 -37.88
CA VAL B 15 -21.25 -7.04 -38.28
C VAL B 15 -20.64 -6.13 -39.33
N GLY B 16 -19.37 -5.77 -39.13
CA GLY B 16 -18.67 -4.89 -40.03
C GLY B 16 -18.82 -3.41 -39.73
N ASP B 17 -19.61 -3.05 -38.71
CA ASP B 17 -19.85 -1.65 -38.41
C ASP B 17 -18.70 -1.05 -37.62
N ARG B 18 -18.61 0.28 -37.68
CA ARG B 18 -17.59 1.03 -36.93
C ARG B 18 -18.11 1.37 -35.55
N VAL B 19 -17.32 1.05 -34.53
CA VAL B 19 -17.68 1.26 -33.13
C VAL B 19 -16.62 2.15 -32.49
N THR B 20 -17.05 3.19 -31.77
N THR B 20 -17.05 3.19 -31.78
CA THR B 20 -16.16 4.14 -31.15
CA THR B 20 -16.13 4.14 -31.15
C THR B 20 -16.53 4.32 -29.68
C THR B 20 -16.52 4.33 -29.69
N ILE B 21 -15.53 4.27 -28.81
CA ILE B 21 -15.70 4.50 -27.38
C ILE B 21 -14.72 5.59 -26.96
N THR B 22 -15.15 6.45 -26.03
CA THR B 22 -14.31 7.54 -25.54
C THR B 22 -14.17 7.45 -24.02
N CYS B 23 -12.99 7.81 -23.53
CA CYS B 23 -12.77 8.01 -22.11
C CYS B 23 -12.14 9.37 -21.90
N GLN B 24 -12.66 10.14 -20.94
CA GLN B 24 -12.14 11.46 -20.60
C GLN B 24 -11.60 11.42 -19.18
N ALA B 25 -10.34 11.82 -19.03
CA ALA B 25 -9.70 11.87 -17.72
C ALA B 25 -9.94 13.22 -17.07
N SER B 26 -10.14 13.20 -15.75
CA SER B 26 -10.39 14.45 -15.02
C SER B 26 -9.14 15.31 -14.92
N GLN B 27 -7.96 14.74 -15.14
CA GLN B 27 -6.72 15.50 -15.16
C GLN B 27 -5.85 14.97 -16.30
N ASP B 28 -4.89 15.78 -16.72
CA ASP B 28 -3.96 15.38 -17.77
C ASP B 28 -3.16 14.17 -17.32
N ILE B 29 -3.13 13.12 -18.15
CA ILE B 29 -2.44 11.89 -17.81
C ILE B 29 -1.51 11.48 -18.94
N ARG B 30 -1.14 12.43 -19.79
CA ARG B 30 -0.27 12.19 -20.95
C ARG B 30 -0.90 11.07 -21.78
N ASN B 31 -0.18 9.99 -22.08
CA ASN B 31 -0.74 8.83 -22.75
C ASN B 31 -0.80 7.62 -21.84
N TYR B 32 -0.80 7.85 -20.52
CA TYR B 32 -0.82 6.76 -19.54
C TYR B 32 -2.24 6.19 -19.41
N LEU B 33 -2.72 5.59 -20.51
CA LEU B 33 -4.10 5.16 -20.64
C LEU B 33 -4.13 3.87 -21.45
N ASN B 34 -4.81 2.85 -20.93
CA ASN B 34 -4.86 1.54 -21.57
C ASN B 34 -6.30 1.11 -21.77
N TRP B 35 -6.49 0.12 -22.65
CA TRP B 35 -7.81 -0.42 -22.98
C TRP B 35 -7.80 -1.94 -22.83
N TYR B 36 -8.87 -2.47 -22.23
CA TYR B 36 -9.01 -3.91 -22.01
C TYR B 36 -10.30 -4.41 -22.64
N GLN B 37 -10.31 -5.70 -22.98
CA GLN B 37 -11.50 -6.41 -23.45
C GLN B 37 -11.79 -7.54 -22.48
N GLN B 38 -13.06 -7.66 -22.07
CA GLN B 38 -13.47 -8.71 -21.14
C GLN B 38 -14.75 -9.38 -21.65
N ARG B 39 -14.68 -10.71 -21.83
CA ARG B 39 -15.80 -11.58 -22.17
C ARG B 39 -16.46 -12.09 -20.90
N PRO B 40 -17.76 -12.44 -20.96
CA PRO B 40 -18.45 -12.94 -19.76
C PRO B 40 -17.77 -14.18 -19.20
N GLY B 41 -17.57 -14.17 -17.88
CA GLY B 41 -16.91 -15.26 -17.19
C GLY B 41 -15.40 -15.31 -17.34
N LYS B 42 -14.82 -14.46 -18.20
CA LYS B 42 -13.39 -14.46 -18.45
C LYS B 42 -12.74 -13.25 -17.81
N ALA B 43 -11.45 -13.37 -17.54
CA ALA B 43 -10.67 -12.25 -17.06
C ALA B 43 -10.44 -11.25 -18.19
N PRO B 44 -10.31 -9.96 -17.86
CA PRO B 44 -10.04 -8.96 -18.90
C PRO B 44 -8.70 -9.21 -19.59
N LYS B 45 -8.57 -8.65 -20.79
CA LYS B 45 -7.42 -8.89 -21.65
C LYS B 45 -6.96 -7.57 -22.23
N LEU B 46 -5.65 -7.31 -22.14
CA LEU B 46 -5.10 -6.06 -22.65
C LEU B 46 -5.16 -6.03 -24.17
N LEU B 47 -5.74 -4.95 -24.71
CA LEU B 47 -5.77 -4.71 -26.14
C LEU B 47 -4.83 -3.59 -26.58
N ILE B 48 -4.82 -2.48 -25.86
CA ILE B 48 -4.06 -1.29 -26.25
C ILE B 48 -3.40 -0.72 -25.00
N PHE B 49 -2.10 -0.46 -25.09
CA PHE B 49 -1.36 0.17 -24.00
C PHE B 49 -0.83 1.52 -24.45
N ASP B 50 -0.72 2.45 -23.49
CA ASP B 50 -0.23 3.80 -23.75
C ASP B 50 -1.00 4.46 -24.89
N ALA B 51 -2.33 4.40 -24.78
CA ALA B 51 -3.29 5.14 -25.60
C ALA B 51 -3.41 4.64 -27.04
N SER B 52 -2.30 4.26 -27.68
CA SER B 52 -2.37 4.00 -29.12
C SER B 52 -1.55 2.79 -29.57
N ASN B 53 -0.96 2.02 -28.67
CA ASN B 53 -0.09 0.92 -29.06
C ASN B 53 -0.86 -0.39 -28.99
N LEU B 54 -0.88 -1.12 -30.11
CA LEU B 54 -1.61 -2.38 -30.20
C LEU B 54 -0.79 -3.51 -29.59
N GLU B 55 -1.38 -4.23 -28.65
CA GLU B 55 -0.71 -5.37 -28.05
C GLU B 55 -0.53 -6.49 -29.07
N THR B 56 0.55 -7.25 -28.88
CA THR B 56 0.85 -8.37 -29.78
C THR B 56 -0.32 -9.33 -29.87
N GLY B 57 -0.72 -9.67 -31.09
CA GLY B 57 -1.80 -10.60 -31.32
C GLY B 57 -3.18 -9.99 -31.42
N VAL B 58 -3.31 -8.69 -31.22
CA VAL B 58 -4.61 -8.02 -31.29
C VAL B 58 -4.89 -7.66 -32.75
N PRO B 59 -6.07 -7.95 -33.27
CA PRO B 59 -6.39 -7.58 -34.66
C PRO B 59 -6.28 -6.08 -34.87
N SER B 60 -5.86 -5.70 -36.08
N SER B 60 -5.86 -5.70 -36.08
CA SER B 60 -5.64 -4.30 -36.41
CA SER B 60 -5.64 -4.30 -36.41
C SER B 60 -6.95 -3.52 -36.51
C SER B 60 -6.95 -3.51 -36.51
N ARG B 61 -8.11 -4.17 -36.43
CA ARG B 61 -9.37 -3.44 -36.43
C ARG B 61 -9.57 -2.70 -35.11
N PHE B 62 -8.86 -3.08 -34.06
CA PHE B 62 -8.85 -2.34 -32.80
C PHE B 62 -7.78 -1.26 -32.86
N SER B 63 -8.15 -0.03 -32.50
CA SER B 63 -7.20 1.05 -32.48
C SER B 63 -7.57 2.02 -31.37
N GLY B 64 -6.58 2.81 -30.94
CA GLY B 64 -6.79 3.82 -29.93
C GLY B 64 -5.98 5.06 -30.24
N SER B 65 -6.43 6.19 -29.68
CA SER B 65 -5.74 7.45 -29.87
C SER B 65 -6.08 8.37 -28.71
N GLY B 66 -5.31 9.45 -28.60
CA GLY B 66 -5.56 10.44 -27.57
C GLY B 66 -4.36 10.77 -26.71
N SER B 67 -4.41 11.94 -26.06
CA SER B 67 -3.36 12.38 -25.16
C SER B 67 -3.92 13.48 -24.27
N GLY B 68 -3.40 13.53 -23.05
CA GLY B 68 -3.89 14.51 -22.09
C GLY B 68 -5.13 14.05 -21.36
N THR B 69 -6.31 14.48 -21.86
CA THR B 69 -7.57 14.16 -21.20
C THR B 69 -8.59 13.47 -22.09
N HIS B 70 -8.42 13.48 -23.41
CA HIS B 70 -9.41 12.93 -24.33
C HIS B 70 -8.80 11.74 -25.06
N PHE B 71 -9.46 10.59 -24.94
CA PHE B 71 -8.97 9.34 -25.51
C PHE B 71 -10.11 8.64 -26.25
N THR B 72 -9.75 7.95 -27.33
CA THR B 72 -10.72 7.29 -28.19
C THR B 72 -10.30 5.84 -28.43
N PHE B 73 -11.29 4.95 -28.45
CA PHE B 73 -11.09 3.53 -28.74
C PHE B 73 -12.04 3.16 -29.86
N THR B 74 -11.52 2.53 -30.91
CA THR B 74 -12.30 2.28 -32.11
C THR B 74 -12.16 0.82 -32.55
N ILE B 75 -13.29 0.19 -32.85
CA ILE B 75 -13.33 -1.08 -33.56
C ILE B 75 -13.80 -0.77 -34.96
N SER B 76 -12.91 -0.89 -35.94
CA SER B 76 -13.21 -0.42 -37.29
C SER B 76 -14.26 -1.29 -37.99
N SER B 77 -14.31 -2.57 -37.66
CA SER B 77 -15.26 -3.48 -38.30
C SER B 77 -15.66 -4.54 -37.26
N LEU B 78 -16.78 -4.30 -36.58
CA LEU B 78 -17.19 -5.14 -35.46
C LEU B 78 -17.47 -6.57 -35.92
N GLN B 79 -16.88 -7.53 -35.22
CA GLN B 79 -17.05 -8.95 -35.49
C GLN B 79 -17.78 -9.62 -34.32
N PRO B 80 -18.42 -10.77 -34.57
CA PRO B 80 -19.15 -11.43 -33.47
C PRO B 80 -18.28 -11.79 -32.28
N GLU B 81 -17.00 -12.13 -32.51
CA GLU B 81 -16.10 -12.43 -31.40
C GLU B 81 -15.70 -11.19 -30.62
N ASP B 82 -16.08 -9.99 -31.08
CA ASP B 82 -15.79 -8.75 -30.38
C ASP B 82 -16.88 -8.36 -29.38
N ILE B 83 -17.96 -9.13 -29.31
CA ILE B 83 -19.04 -8.87 -28.35
C ILE B 83 -18.48 -9.09 -26.95
N ALA B 84 -18.34 -8.02 -26.18
CA ALA B 84 -17.70 -8.06 -24.87
C ALA B 84 -17.89 -6.71 -24.20
N THR B 85 -17.34 -6.59 -22.99
CA THR B 85 -17.28 -5.32 -22.28
C THR B 85 -15.86 -4.78 -22.35
N TYR B 86 -15.73 -3.50 -22.64
CA TYR B 86 -14.43 -2.85 -22.80
C TYR B 86 -14.23 -1.82 -21.70
N TYR B 87 -12.97 -1.68 -21.25
CA TYR B 87 -12.64 -0.80 -20.14
C TYR B 87 -11.42 0.04 -20.49
N CYS B 88 -11.48 1.34 -20.17
CA CYS B 88 -10.26 2.11 -20.14
C CYS B 88 -9.65 2.03 -18.74
N GLN B 89 -8.39 2.47 -18.62
CA GLN B 89 -7.66 2.39 -17.36
C GLN B 89 -6.47 3.32 -17.45
N GLN B 90 -6.40 4.29 -16.54
CA GLN B 90 -5.27 5.19 -16.45
C GLN B 90 -4.32 4.74 -15.36
N TYR B 91 -3.04 5.10 -15.51
CA TYR B 91 -2.07 4.92 -14.45
C TYR B 91 -1.27 6.20 -14.20
N GLY B 92 -1.79 7.35 -14.64
CA GLY B 92 -1.16 8.62 -14.31
C GLY B 92 -0.99 8.80 -12.81
N GLU B 93 -2.07 8.56 -12.06
N GLU B 93 -2.06 8.53 -12.05
CA GLU B 93 -2.03 8.58 -10.60
CA GLU B 93 -2.01 8.59 -10.59
C GLU B 93 -2.78 7.36 -10.09
C GLU B 93 -2.79 7.38 -10.05
N LEU B 94 -2.06 6.43 -9.47
CA LEU B 94 -2.63 5.17 -8.95
C LEU B 94 -3.29 4.46 -10.13
N ILE B 95 -4.39 3.75 -9.91
CA ILE B 95 -5.09 3.01 -10.96
C ILE B 95 -6.58 3.27 -10.83
N THR B 96 -7.20 3.76 -11.90
CA THR B 96 -8.65 3.86 -11.97
C THR B 96 -9.11 3.39 -13.33
N PHE B 97 -10.30 2.79 -13.37
CA PHE B 97 -10.91 2.28 -14.59
C PHE B 97 -12.10 3.14 -14.98
N GLY B 98 -12.39 3.18 -16.27
CA GLY B 98 -13.65 3.72 -16.74
C GLY B 98 -14.80 2.80 -16.39
N GLY B 99 -16.01 3.35 -16.49
CA GLY B 99 -17.20 2.61 -16.11
C GLY B 99 -17.51 1.41 -16.98
N GLY B 100 -16.86 1.28 -18.13
CA GLY B 100 -17.06 0.13 -18.98
C GLY B 100 -18.06 0.39 -20.08
N THR B 101 -17.91 -0.35 -21.17
CA THR B 101 -18.83 -0.30 -22.30
C THR B 101 -19.06 -1.74 -22.77
N ASN B 102 -20.28 -2.24 -22.60
CA ASN B 102 -20.62 -3.55 -23.14
C ASN B 102 -21.10 -3.40 -24.57
N VAL B 103 -20.47 -4.12 -25.48
CA VAL B 103 -20.72 -4.02 -26.91
C VAL B 103 -21.54 -5.23 -27.33
N GLN B 104 -22.73 -4.98 -27.86
CA GLN B 104 -23.61 -6.03 -28.36
C GLN B 104 -23.70 -5.95 -29.88
N MET B 105 -24.31 -6.98 -30.46
CA MET B 105 -24.41 -7.09 -31.92
C MET B 105 -25.86 -7.19 -32.34
N LYS B 106 -26.24 -6.38 -33.32
CA LYS B 106 -27.52 -6.51 -34.00
C LYS B 106 -27.34 -7.41 -35.22
N ARG B 107 -28.33 -8.27 -35.48
CA ARG B 107 -28.26 -9.19 -36.59
C ARG B 107 -29.67 -9.45 -37.10
N THR B 108 -29.79 -10.38 -38.05
CA THR B 108 -31.06 -10.72 -38.66
C THR B 108 -31.90 -11.57 -37.71
N VAL B 109 -33.21 -11.61 -37.99
CA VAL B 109 -34.12 -12.41 -37.18
C VAL B 109 -33.79 -13.88 -37.37
N ALA B 110 -33.74 -14.62 -36.25
CA ALA B 110 -33.48 -16.05 -36.28
C ALA B 110 -34.42 -16.75 -35.33
N ALA B 111 -35.14 -17.76 -35.84
CA ALA B 111 -36.14 -18.47 -35.05
C ALA B 111 -35.46 -19.50 -34.14
N PRO B 112 -36.00 -19.72 -32.94
CA PRO B 112 -35.39 -20.69 -32.04
C PRO B 112 -35.73 -22.13 -32.42
N SER B 113 -34.81 -23.03 -32.09
CA SER B 113 -35.12 -24.45 -32.04
C SER B 113 -35.54 -24.79 -30.62
N VAL B 114 -36.69 -25.43 -30.47
CA VAL B 114 -37.31 -25.64 -29.17
C VAL B 114 -37.25 -27.13 -28.81
N PHE B 115 -36.82 -27.41 -27.58
CA PHE B 115 -36.74 -28.76 -27.05
C PHE B 115 -37.29 -28.76 -25.64
N ILE B 116 -37.90 -29.87 -25.25
CA ILE B 116 -38.47 -30.03 -23.91
C ILE B 116 -37.85 -31.27 -23.27
N PHE B 117 -37.60 -31.18 -21.97
CA PHE B 117 -36.93 -32.24 -21.21
C PHE B 117 -37.77 -32.63 -20.00
N PRO B 118 -38.32 -33.84 -19.95
CA PRO B 118 -39.01 -34.30 -18.73
C PRO B 118 -38.01 -34.48 -17.60
N PRO B 119 -38.48 -34.48 -16.35
CA PRO B 119 -37.56 -34.66 -15.22
C PRO B 119 -36.89 -36.02 -15.25
N SER B 120 -35.66 -36.06 -14.74
CA SER B 120 -34.91 -37.30 -14.66
C SER B 120 -35.55 -38.24 -13.64
N ASP B 121 -35.27 -39.54 -13.80
CA ASP B 121 -35.63 -40.49 -12.76
C ASP B 121 -34.84 -40.24 -11.49
N GLU B 122 -33.61 -39.72 -11.62
CA GLU B 122 -32.80 -39.43 -10.45
C GLU B 122 -33.41 -38.31 -9.62
N GLN B 123 -33.83 -37.21 -10.28
CA GLN B 123 -34.44 -36.12 -9.54
C GLN B 123 -35.78 -36.53 -8.94
N LEU B 124 -36.57 -37.30 -9.69
CA LEU B 124 -37.85 -37.77 -9.18
C LEU B 124 -37.69 -38.61 -7.92
N LYS B 125 -36.58 -39.36 -7.82
CA LYS B 125 -36.29 -40.12 -6.62
C LYS B 125 -36.01 -39.21 -5.43
N SER B 126 -35.62 -37.97 -5.65
CA SER B 126 -35.30 -37.03 -4.58
C SER B 126 -36.49 -36.16 -4.17
N GLY B 127 -37.66 -36.33 -4.80
CA GLY B 127 -38.86 -35.65 -4.38
C GLY B 127 -39.23 -34.39 -5.14
N THR B 128 -38.47 -34.04 -6.18
CA THR B 128 -38.72 -32.83 -6.96
C THR B 128 -38.73 -33.20 -8.44
N ALA B 129 -39.49 -32.45 -9.23
CA ALA B 129 -39.54 -32.61 -10.68
C ALA B 129 -39.30 -31.25 -11.33
N SER B 130 -38.29 -31.18 -12.19
CA SER B 130 -37.99 -29.98 -12.97
C SER B 130 -38.14 -30.31 -14.45
N VAL B 131 -39.02 -29.60 -15.12
CA VAL B 131 -39.21 -29.71 -16.57
C VAL B 131 -38.49 -28.54 -17.22
N VAL B 132 -37.71 -28.81 -18.25
CA VAL B 132 -36.85 -27.82 -18.89
C VAL B 132 -37.28 -27.63 -20.33
N CYS B 133 -37.52 -26.38 -20.73
CA CYS B 133 -37.79 -26.02 -22.11
C CYS B 133 -36.61 -25.19 -22.64
N LEU B 134 -36.09 -25.58 -23.79
CA LEU B 134 -34.88 -24.98 -24.34
C LEU B 134 -35.19 -24.27 -25.64
N LEU B 135 -34.77 -23.00 -25.74
CA LEU B 135 -34.84 -22.22 -26.97
C LEU B 135 -33.41 -22.00 -27.44
N ASN B 136 -33.09 -22.52 -28.61
CA ASN B 136 -31.71 -22.61 -29.08
C ASN B 136 -31.46 -21.65 -30.24
N ASN B 137 -30.52 -20.73 -30.05
CA ASN B 137 -29.93 -19.90 -31.11
C ASN B 137 -31.02 -19.11 -31.86
N PHE B 138 -31.52 -18.08 -31.20
CA PHE B 138 -32.55 -17.23 -31.77
C PHE B 138 -32.14 -15.76 -31.66
N TYR B 139 -32.84 -14.92 -32.41
CA TYR B 139 -32.67 -13.48 -32.38
C TYR B 139 -33.93 -12.84 -32.93
N PRO B 140 -34.46 -11.76 -32.33
CA PRO B 140 -33.91 -11.03 -31.18
C PRO B 140 -34.10 -11.73 -29.82
N ARG B 141 -33.61 -11.07 -28.78
CA ARG B 141 -33.62 -11.65 -27.43
C ARG B 141 -35.04 -11.87 -26.90
N GLU B 142 -35.97 -11.02 -27.30
CA GLU B 142 -37.31 -11.07 -26.73
C GLU B 142 -38.03 -12.33 -27.17
N ALA B 143 -38.61 -13.05 -26.20
CA ALA B 143 -39.33 -14.28 -26.48
C ALA B 143 -40.31 -14.54 -25.35
N LYS B 144 -41.45 -15.14 -25.71
CA LYS B 144 -42.48 -15.50 -24.76
C LYS B 144 -42.55 -17.02 -24.65
N VAL B 145 -42.27 -17.54 -23.46
CA VAL B 145 -42.35 -18.97 -23.18
C VAL B 145 -43.45 -19.17 -22.14
N GLN B 146 -44.47 -19.95 -22.50
CA GLN B 146 -45.63 -20.16 -21.66
C GLN B 146 -45.74 -21.64 -21.32
N TRP B 147 -45.72 -21.96 -20.03
CA TRP B 147 -45.91 -23.33 -19.58
C TRP B 147 -47.39 -23.65 -19.49
N LYS B 148 -47.78 -24.78 -20.05
CA LYS B 148 -49.14 -25.30 -19.94
C LYS B 148 -49.09 -26.68 -19.31
N VAL B 149 -49.83 -26.87 -18.23
CA VAL B 149 -49.90 -28.14 -17.53
C VAL B 149 -51.35 -28.61 -17.61
N ASP B 150 -51.59 -29.68 -18.38
CA ASP B 150 -52.93 -30.11 -18.74
C ASP B 150 -53.72 -28.96 -19.35
N ASN B 151 -53.06 -28.22 -20.24
CA ASN B 151 -53.63 -27.09 -20.98
C ASN B 151 -54.08 -25.95 -20.07
N ALA B 152 -53.56 -25.90 -18.85
CA ALA B 152 -53.80 -24.77 -17.94
C ALA B 152 -52.55 -23.91 -17.90
N LEU B 153 -52.71 -22.63 -18.20
CA LEU B 153 -51.57 -21.69 -18.20
C LEU B 153 -50.97 -21.62 -16.80
N GLN B 154 -49.65 -21.77 -16.69
CA GLN B 154 -48.90 -21.72 -15.43
C GLN B 154 -48.32 -20.33 -15.16
N SER B 155 -48.17 -19.97 -13.89
CA SER B 155 -47.57 -18.67 -13.52
C SER B 155 -46.96 -18.77 -12.12
N GLY B 156 -45.73 -18.31 -11.93
CA GLY B 156 -45.10 -18.29 -10.60
C GLY B 156 -44.37 -19.56 -10.17
N ASN B 157 -44.20 -20.55 -11.05
CA ASN B 157 -43.47 -21.77 -10.72
C ASN B 157 -42.37 -22.07 -11.73
N SER B 158 -42.01 -21.10 -12.55
CA SER B 158 -40.95 -21.27 -13.53
C SER B 158 -39.96 -20.12 -13.44
N GLN B 159 -38.75 -20.36 -13.94
CA GLN B 159 -37.71 -19.34 -13.98
C GLN B 159 -36.97 -19.46 -15.30
N GLU B 160 -36.54 -18.31 -15.84
CA GLU B 160 -35.90 -18.23 -17.13
C GLU B 160 -34.45 -17.79 -17.00
N SER B 161 -33.62 -18.24 -17.95
CA SER B 161 -32.22 -17.86 -18.02
C SER B 161 -31.83 -17.72 -19.48
N VAL B 162 -31.09 -16.66 -19.80
CA VAL B 162 -30.68 -16.34 -21.17
C VAL B 162 -29.17 -16.23 -21.20
N THR B 163 -28.54 -16.94 -22.13
CA THR B 163 -27.09 -16.86 -22.29
C THR B 163 -26.69 -15.50 -22.83
N GLU B 164 -25.38 -15.22 -22.75
CA GLU B 164 -24.83 -14.08 -23.44
C GLU B 164 -24.84 -14.33 -24.95
N GLN B 165 -24.72 -13.26 -25.72
CA GLN B 165 -24.75 -13.37 -27.17
C GLN B 165 -23.63 -14.30 -27.65
N ASP B 166 -23.99 -15.21 -28.55
CA ASP B 166 -23.03 -16.20 -29.03
C ASP B 166 -21.90 -15.52 -29.79
N SER B 167 -20.66 -15.92 -29.50
N SER B 167 -20.66 -15.92 -29.49
CA SER B 167 -19.50 -15.29 -30.11
CA SER B 167 -19.49 -15.30 -30.11
C SER B 167 -19.35 -15.64 -31.59
C SER B 167 -19.35 -15.64 -31.59
N LYS B 168 -20.18 -16.52 -32.12
CA LYS B 168 -20.09 -16.94 -33.52
C LYS B 168 -21.22 -16.40 -34.37
N ASP B 169 -22.48 -16.60 -33.98
CA ASP B 169 -23.63 -16.17 -34.77
C ASP B 169 -24.45 -15.07 -34.10
N SER B 170 -24.01 -14.59 -32.93
CA SER B 170 -24.64 -13.46 -32.24
C SER B 170 -26.08 -13.74 -31.81
N THR B 171 -26.47 -15.01 -31.70
CA THR B 171 -27.81 -15.36 -31.25
C THR B 171 -27.84 -15.54 -29.74
N TYR B 172 -29.05 -15.69 -29.21
CA TYR B 172 -29.28 -15.97 -27.80
C TYR B 172 -29.84 -17.38 -27.64
N SER B 173 -29.69 -17.91 -26.43
CA SER B 173 -30.35 -19.15 -26.05
C SER B 173 -31.04 -18.94 -24.71
N LEU B 174 -32.16 -19.63 -24.52
CA LEU B 174 -33.01 -19.43 -23.35
C LEU B 174 -33.40 -20.76 -22.75
N SER B 175 -33.31 -20.85 -21.42
N SER B 175 -33.32 -20.85 -21.42
CA SER B 175 -33.75 -22.01 -20.67
CA SER B 175 -33.75 -22.02 -20.67
C SER B 175 -34.84 -21.57 -19.70
C SER B 175 -34.83 -21.59 -19.68
N SER B 176 -35.94 -22.31 -19.68
CA SER B 176 -37.04 -22.06 -18.75
C SER B 176 -37.37 -23.36 -18.03
N THR B 177 -37.32 -23.32 -16.70
CA THR B 177 -37.45 -24.52 -15.88
C THR B 177 -38.73 -24.42 -15.06
N LEU B 178 -39.60 -25.41 -15.23
CA LEU B 178 -40.80 -25.57 -14.41
C LEU B 178 -40.49 -26.56 -13.29
N THR B 179 -40.62 -26.12 -12.05
CA THR B 179 -40.24 -26.92 -10.90
C THR B 179 -41.47 -27.23 -10.06
N LEU B 180 -41.81 -28.51 -9.95
CA LEU B 180 -42.89 -28.98 -9.09
C LEU B 180 -42.34 -30.01 -8.12
N SER B 181 -43.04 -30.17 -6.99
CA SER B 181 -42.78 -31.33 -6.15
C SER B 181 -43.18 -32.60 -6.89
N LYS B 182 -42.56 -33.72 -6.49
CA LYS B 182 -42.88 -34.99 -7.13
C LYS B 182 -44.36 -35.31 -7.01
N ALA B 183 -44.97 -35.00 -5.86
CA ALA B 183 -46.38 -35.27 -5.67
C ALA B 183 -47.23 -34.49 -6.67
N ASP B 184 -46.99 -33.18 -6.79
CA ASP B 184 -47.75 -32.37 -7.73
C ASP B 184 -47.47 -32.77 -9.18
N TYR B 185 -46.24 -33.19 -9.48
CA TYR B 185 -45.91 -33.59 -10.84
C TYR B 185 -46.72 -34.80 -11.27
N GLU B 186 -47.01 -35.72 -10.35
CA GLU B 186 -47.73 -36.93 -10.67
C GLU B 186 -49.24 -36.74 -10.75
N LYS B 187 -49.75 -35.54 -10.46
N LYS B 187 -49.75 -35.54 -10.45
CA LYS B 187 -51.17 -35.25 -10.56
CA LYS B 187 -51.17 -35.25 -10.56
C LYS B 187 -51.57 -34.70 -11.92
C LYS B 187 -51.58 -34.76 -11.94
N HIS B 188 -50.62 -34.55 -12.85
CA HIS B 188 -50.90 -34.04 -14.17
C HIS B 188 -50.26 -34.94 -15.23
N LYS B 189 -50.79 -34.87 -16.43
CA LYS B 189 -50.36 -35.72 -17.53
C LYS B 189 -49.59 -34.98 -18.61
N VAL B 190 -50.15 -33.90 -19.16
CA VAL B 190 -49.57 -33.21 -20.31
C VAL B 190 -48.76 -32.03 -19.82
N TYR B 191 -47.47 -32.01 -20.16
CA TYR B 191 -46.57 -30.90 -19.86
C TYR B 191 -46.09 -30.32 -21.18
N ALA B 192 -46.32 -29.02 -21.37
CA ALA B 192 -46.02 -28.36 -22.63
C ALA B 192 -45.45 -26.98 -22.38
N CYS B 193 -44.49 -26.58 -23.22
CA CYS B 193 -44.04 -25.21 -23.30
C CYS B 193 -44.36 -24.68 -24.68
N GLU B 194 -44.98 -23.50 -24.74
CA GLU B 194 -45.37 -22.86 -25.98
C GLU B 194 -44.54 -21.60 -26.16
N VAL B 195 -43.83 -21.52 -27.28
CA VAL B 195 -42.85 -20.46 -27.53
C VAL B 195 -43.41 -19.52 -28.60
N THR B 196 -43.38 -18.22 -28.30
CA THR B 196 -43.75 -17.18 -29.25
C THR B 196 -42.51 -16.33 -29.53
N HIS B 197 -42.20 -16.12 -30.80
CA HIS B 197 -41.01 -15.37 -31.18
C HIS B 197 -41.21 -14.74 -32.54
N GLN B 198 -40.48 -13.64 -32.78
CA GLN B 198 -40.62 -12.90 -34.04
C GLN B 198 -40.28 -13.77 -35.24
N GLY B 199 -39.39 -14.75 -35.07
CA GLY B 199 -39.00 -15.61 -36.16
C GLY B 199 -39.94 -16.75 -36.48
N LEU B 200 -41.02 -16.91 -35.72
CA LEU B 200 -41.96 -18.00 -35.90
C LEU B 200 -43.28 -17.45 -36.43
N SER B 201 -43.78 -18.07 -37.51
CA SER B 201 -45.06 -17.65 -38.08
C SER B 201 -46.18 -17.78 -37.05
N SER B 202 -46.18 -18.88 -36.29
CA SER B 202 -47.15 -19.13 -35.24
C SER B 202 -46.43 -19.74 -34.06
N PRO B 203 -46.98 -19.63 -32.85
CA PRO B 203 -46.31 -20.18 -31.67
C PRO B 203 -46.06 -21.68 -31.81
N VAL B 204 -44.89 -22.10 -31.32
CA VAL B 204 -44.46 -23.49 -31.39
C VAL B 204 -44.61 -24.12 -30.02
N THR B 205 -45.17 -25.33 -29.98
CA THR B 205 -45.41 -26.05 -28.73
C THR B 205 -44.66 -27.37 -28.76
N LYS B 206 -43.90 -27.65 -27.70
CA LYS B 206 -43.29 -28.94 -27.47
C LYS B 206 -43.84 -29.51 -26.18
N SER B 207 -44.26 -30.77 -26.20
CA SER B 207 -44.98 -31.34 -25.07
C SER B 207 -44.64 -32.81 -24.91
N PHE B 208 -45.05 -33.36 -23.78
CA PHE B 208 -44.96 -34.79 -23.51
C PHE B 208 -46.02 -35.16 -22.48
N ASN B 209 -46.38 -36.43 -22.47
CA ASN B 209 -47.27 -36.98 -21.46
C ASN B 209 -46.43 -37.69 -20.40
N ARG B 210 -46.70 -37.39 -19.14
CA ARG B 210 -45.90 -37.96 -18.05
C ARG B 210 -45.96 -39.47 -18.07
N GLY B 211 -44.79 -40.10 -18.11
CA GLY B 211 -44.71 -41.55 -18.15
C GLY B 211 -44.98 -42.17 -19.51
N GLU B 212 -44.96 -41.37 -20.58
CA GLU B 212 -45.24 -41.87 -21.91
C GLU B 212 -44.33 -41.21 -22.95
N GLN C 1 19.27 -0.94 0.53
CA GLN C 1 20.15 -1.40 -0.54
C GLN C 1 21.18 -0.33 -0.89
N LEU C 2 20.97 0.88 -0.37
CA LEU C 2 21.80 2.03 -0.72
C LEU C 2 22.32 2.71 0.53
N GLN C 3 23.56 3.17 0.47
CA GLN C 3 24.19 3.86 1.60
C GLN C 3 24.92 5.11 1.11
N LEU C 4 24.67 6.23 1.78
CA LEU C 4 25.32 7.48 1.49
C LEU C 4 26.03 7.98 2.75
N GLN C 5 27.16 8.67 2.55
CA GLN C 5 27.95 9.13 3.68
C GLN C 5 28.57 10.48 3.35
N GLU C 6 28.19 11.51 4.12
CA GLU C 6 28.80 12.81 3.98
C GLU C 6 30.16 12.85 4.65
N SER C 7 31.02 13.73 4.16
CA SER C 7 32.34 13.92 4.75
C SER C 7 32.78 15.36 4.53
N GLY C 8 33.50 15.91 5.51
CA GLY C 8 33.98 17.26 5.43
C GLY C 8 34.21 17.89 6.78
N PRO C 9 34.68 19.13 6.79
CA PRO C 9 34.98 19.79 8.07
C PRO C 9 33.72 20.03 8.89
N GLY C 10 33.86 19.86 10.20
CA GLY C 10 32.81 20.26 11.11
C GLY C 10 32.84 21.73 11.49
N LEU C 11 33.95 22.41 11.18
CA LEU C 11 34.16 23.81 11.55
C LEU C 11 34.60 24.59 10.32
N VAL C 12 33.93 25.72 10.07
CA VAL C 12 34.29 26.61 8.96
C VAL C 12 34.26 28.04 9.47
N LYS C 13 35.30 28.81 9.15
CA LYS C 13 35.35 30.20 9.58
C LYS C 13 34.41 31.06 8.74
N PRO C 14 33.89 32.15 9.30
CA PRO C 14 33.01 33.03 8.54
C PRO C 14 33.71 33.61 7.31
N SER C 15 32.93 33.79 6.24
CA SER C 15 33.36 34.27 4.93
C SER C 15 34.14 33.21 4.15
N GLU C 16 34.52 32.12 4.80
CA GLU C 16 35.19 31.03 4.10
C GLU C 16 34.18 30.21 3.29
N THR C 17 34.67 29.22 2.55
CA THR C 17 33.84 28.36 1.74
C THR C 17 33.65 27.01 2.42
N LEU C 18 32.39 26.60 2.55
CA LEU C 18 32.05 25.29 3.07
C LEU C 18 32.16 24.26 1.95
N SER C 19 32.84 23.14 2.22
CA SER C 19 32.99 22.07 1.24
C SER C 19 32.63 20.74 1.89
N LEU C 20 31.78 19.98 1.21
CA LEU C 20 31.39 18.65 1.67
C LEU C 20 31.33 17.70 0.50
N THR C 21 31.50 16.41 0.79
CA THR C 21 31.50 15.36 -0.22
C THR C 21 30.64 14.20 0.26
N CYS C 22 29.84 13.65 -0.65
CA CYS C 22 29.04 12.47 -0.36
C CYS C 22 29.60 11.27 -1.13
N SER C 23 29.78 10.16 -0.43
CA SER C 23 30.21 8.91 -1.03
C SER C 23 29.00 7.97 -1.11
N VAL C 24 28.84 7.33 -2.26
CA VAL C 24 27.66 6.49 -2.53
C VAL C 24 28.11 5.06 -2.71
N SER C 25 27.45 4.14 -2.02
CA SER C 25 27.74 2.72 -2.09
C SER C 25 26.47 1.97 -2.46
N GLY C 26 26.58 1.06 -3.43
CA GLY C 26 25.46 0.27 -3.89
C GLY C 26 24.81 0.76 -5.16
N GLU C 27 25.30 1.85 -5.75
CA GLU C 27 24.72 2.41 -6.96
C GLU C 27 25.74 3.35 -7.58
N SER C 28 25.66 3.51 -8.89
CA SER C 28 26.49 4.44 -9.63
C SER C 28 25.74 5.75 -9.81
N ILE C 29 26.37 6.86 -9.39
CA ILE C 29 25.76 8.17 -9.58
C ILE C 29 25.75 8.62 -11.02
N SER C 30 26.52 7.97 -11.90
CA SER C 30 26.45 8.24 -13.32
C SER C 30 25.26 7.57 -13.99
N ASN C 31 24.56 6.69 -13.26
CA ASN C 31 23.35 6.06 -13.79
C ASN C 31 22.31 7.14 -14.09
N SER C 32 21.75 7.09 -15.30
CA SER C 32 20.77 8.09 -15.73
C SER C 32 19.44 7.97 -15.00
N ALA C 33 19.24 6.91 -14.20
CA ALA C 33 17.97 6.70 -13.54
C ALA C 33 17.77 7.60 -12.31
N TYR C 34 18.82 8.25 -11.82
CA TYR C 34 18.72 8.96 -10.55
C TYR C 34 19.43 10.30 -10.61
N TYR C 35 19.01 11.18 -9.70
CA TYR C 35 19.66 12.46 -9.43
C TYR C 35 20.21 12.43 -8.00
N TRP C 36 21.06 13.41 -7.69
CA TRP C 36 21.77 13.41 -6.42
C TRP C 36 21.80 14.82 -5.85
N ALA C 37 21.38 14.96 -4.59
CA ALA C 37 21.00 16.25 -4.04
C ALA C 37 21.61 16.47 -2.66
N TRP C 38 21.67 17.73 -2.27
CA TRP C 38 22.08 18.17 -0.94
C TRP C 38 20.94 18.90 -0.27
N ILE C 39 20.71 18.59 1.01
CA ILE C 39 19.70 19.22 1.84
C ILE C 39 20.35 19.61 3.15
N ARG C 40 19.87 20.69 3.77
CA ARG C 40 20.41 21.14 5.03
C ARG C 40 19.28 21.46 6.01
N GLN C 41 19.65 21.48 7.29
CA GLN C 41 18.69 21.73 8.37
C GLN C 41 19.41 22.49 9.48
N PRO C 42 19.19 23.80 9.60
CA PRO C 42 19.73 24.52 10.75
C PRO C 42 19.13 23.97 12.02
N PRO C 43 19.87 24.09 13.14
CA PRO C 43 19.36 23.52 14.40
C PRO C 43 18.01 24.11 14.78
N GLY C 44 17.05 23.22 15.04
CA GLY C 44 15.72 23.63 15.40
C GLY C 44 14.89 24.26 14.31
N LYS C 45 15.32 24.16 13.06
CA LYS C 45 14.60 24.77 11.94
C LYS C 45 14.20 23.68 10.94
N ALA C 46 13.55 24.11 9.85
CA ALA C 46 13.00 23.17 8.88
C ALA C 46 14.06 22.71 7.90
N LEU C 47 13.79 21.58 7.26
CA LEU C 47 14.65 21.09 6.19
C LEU C 47 14.62 22.05 5.02
N GLU C 48 15.77 22.21 4.36
CA GLU C 48 15.90 23.14 3.24
C GLU C 48 16.74 22.47 2.16
N TRP C 49 16.13 22.24 1.00
CA TRP C 49 16.85 21.69 -0.14
C TRP C 49 17.83 22.72 -0.68
N ILE C 50 19.02 22.26 -1.06
CA ILE C 50 20.09 23.13 -1.54
C ILE C 50 20.24 23.04 -3.06
N ALA C 51 20.61 21.88 -3.57
CA ALA C 51 20.90 21.73 -4.99
C ALA C 51 20.87 20.25 -5.36
N THR C 52 20.71 20.01 -6.66
CA THR C 52 20.64 18.67 -7.22
C THR C 52 21.54 18.62 -8.46
N VAL C 53 22.21 17.48 -8.67
CA VAL C 53 23.11 17.33 -9.81
C VAL C 53 22.77 16.04 -10.55
N TYR C 54 22.95 16.07 -11.87
CA TYR C 54 22.67 14.96 -12.76
C TYR C 54 23.95 14.59 -13.51
N TYR C 55 24.00 13.35 -14.03
CA TYR C 55 25.20 12.88 -14.69
C TYR C 55 25.53 13.70 -15.94
N THR C 56 24.51 14.29 -16.58
CA THR C 56 24.74 15.13 -17.75
C THR C 56 25.40 16.45 -17.41
N GLY C 57 25.55 16.79 -16.13
CA GLY C 57 25.98 18.10 -15.73
C GLY C 57 24.87 19.07 -15.42
N ARG C 58 23.63 18.73 -15.75
CA ARG C 58 22.49 19.56 -15.40
C ARG C 58 22.39 19.68 -13.88
N THR C 59 22.07 20.88 -13.41
CA THR C 59 21.94 21.15 -11.98
C THR C 59 20.65 21.93 -11.71
N TYR C 60 20.11 21.73 -10.52
CA TYR C 60 19.04 22.55 -9.97
C TYR C 60 19.53 23.19 -8.68
N HIS C 61 19.06 24.40 -8.40
CA HIS C 61 19.48 25.13 -7.21
C HIS C 61 18.28 25.77 -6.54
N ASN C 62 18.33 25.83 -5.21
CA ASN C 62 17.38 26.64 -4.46
C ASN C 62 17.62 28.11 -4.80
N PRO C 63 16.60 28.84 -5.24
CA PRO C 63 16.83 30.22 -5.70
C PRO C 63 17.42 31.13 -4.65
N SER C 64 17.15 30.88 -3.37
CA SER C 64 17.68 31.72 -2.31
C SER C 64 19.15 31.44 -2.01
N LEU C 65 19.72 30.36 -2.55
CA LEU C 65 21.12 30.02 -2.34
C LEU C 65 21.91 29.91 -3.63
N LYS C 66 21.29 30.19 -4.78
CA LYS C 66 21.90 29.87 -6.07
C LYS C 66 23.26 30.55 -6.24
N SER C 67 23.36 31.83 -5.87
CA SER C 67 24.57 32.59 -6.14
C SER C 67 25.77 32.11 -5.33
N ARG C 68 25.55 31.37 -4.25
CA ARG C 68 26.64 30.94 -3.37
C ARG C 68 26.95 29.44 -3.48
N VAL C 69 26.16 28.69 -4.25
CA VAL C 69 26.22 27.24 -4.23
C VAL C 69 26.88 26.72 -5.51
N ALA C 70 27.77 25.74 -5.34
CA ALA C 70 28.30 24.95 -6.45
C ALA C 70 28.13 23.48 -6.09
N ILE C 71 27.48 22.73 -6.98
CA ILE C 71 27.30 21.29 -6.81
C ILE C 71 27.93 20.60 -8.01
N SER C 72 28.70 19.55 -7.76
CA SER C 72 29.45 18.87 -8.81
C SER C 72 29.48 17.39 -8.52
N MET C 73 29.92 16.63 -9.53
CA MET C 73 29.87 15.18 -9.50
C MET C 73 31.19 14.62 -10.02
N ASP C 74 31.74 13.64 -9.32
CA ASP C 74 32.95 12.92 -9.74
C ASP C 74 32.54 11.48 -9.98
N THR C 75 32.28 11.13 -11.25
CA THR C 75 31.72 9.83 -11.56
C THR C 75 32.77 8.72 -11.43
N SER C 76 34.04 9.03 -11.61
N SER C 76 34.04 9.04 -11.63
CA SER C 76 35.08 8.00 -11.47
CA SER C 76 35.08 8.01 -11.47
C SER C 76 35.26 7.59 -10.01
C SER C 76 35.23 7.58 -10.02
N LYS C 77 35.03 8.51 -9.08
CA LYS C 77 35.07 8.19 -7.65
C LYS C 77 33.70 7.81 -7.10
N ASN C 78 32.63 7.97 -7.89
CA ASN C 78 31.26 7.79 -7.41
C ASN C 78 30.97 8.69 -6.22
N GLN C 79 31.38 9.95 -6.34
CA GLN C 79 31.17 10.96 -5.31
C GLN C 79 30.58 12.21 -5.94
N PHE C 80 29.79 12.94 -5.16
CA PHE C 80 29.36 14.27 -5.55
C PHE C 80 29.51 15.20 -4.35
N SER C 81 29.74 16.48 -4.63
CA SER C 81 30.20 17.41 -3.61
C SER C 81 29.39 18.70 -3.65
N LEU C 82 29.48 19.45 -2.56
CA LEU C 82 28.79 20.72 -2.40
C LEU C 82 29.79 21.77 -1.93
N LYS C 83 29.68 22.97 -2.51
CA LYS C 83 30.47 24.11 -2.07
C LYS C 83 29.52 25.28 -1.82
N LEU C 84 29.63 25.87 -0.63
CA LEU C 84 28.82 27.01 -0.22
C LEU C 84 29.77 28.14 0.16
N ARG C 85 29.75 29.23 -0.61
CA ARG C 85 30.70 30.31 -0.46
C ARG C 85 30.21 31.35 0.55
N SER C 86 31.18 32.05 1.16
CA SER C 86 30.91 33.20 2.02
C SER C 86 29.93 32.86 3.13
N VAL C 87 30.23 31.81 3.89
CA VAL C 87 29.31 31.33 4.91
C VAL C 87 29.27 32.31 6.08
N THR C 88 28.10 32.40 6.70
CA THR C 88 27.88 33.12 7.95
C THR C 88 27.28 32.16 8.96
N ALA C 89 26.95 32.69 10.15
CA ALA C 89 26.32 31.88 11.18
C ALA C 89 24.99 31.29 10.72
N ALA C 90 24.32 31.93 9.76
CA ALA C 90 23.07 31.39 9.22
C ALA C 90 23.27 30.08 8.47
N ASP C 91 24.50 29.70 8.16
CA ASP C 91 24.77 28.48 7.42
C ASP C 91 25.17 27.32 8.34
N THR C 92 25.23 27.55 9.65
CA THR C 92 25.41 26.45 10.59
C THR C 92 24.20 25.52 10.52
N ALA C 93 24.44 24.28 10.13
CA ALA C 93 23.35 23.34 9.91
C ALA C 93 23.91 21.92 9.78
N VAL C 94 23.01 20.96 9.88
CA VAL C 94 23.30 19.60 9.45
C VAL C 94 23.06 19.50 7.95
N TYR C 95 24.04 18.99 7.22
CA TYR C 95 23.94 18.87 5.77
C TYR C 95 23.82 17.40 5.40
N TYR C 96 22.84 17.09 4.57
CA TYR C 96 22.53 15.72 4.17
C TYR C 96 22.74 15.56 2.68
N CYS C 97 23.29 14.42 2.27
CA CYS C 97 23.18 14.04 0.87
C CYS C 97 22.07 13.01 0.72
N ALA C 98 21.56 12.88 -0.51
CA ALA C 98 20.39 12.05 -0.75
C ALA C 98 20.26 11.76 -2.24
N ARG C 99 19.62 10.63 -2.53
CA ARG C 99 19.25 10.25 -3.89
C ARG C 99 17.83 10.70 -4.17
N THR C 100 17.58 11.16 -5.39
CA THR C 100 16.25 11.57 -5.81
C THR C 100 16.05 11.16 -7.27
N GLY C 101 14.86 11.47 -7.80
CA GLY C 101 14.48 11.00 -9.12
C GLY C 101 14.10 9.53 -9.09
N ILE C 102 13.26 9.16 -8.11
CA ILE C 102 13.01 7.75 -7.82
C ILE C 102 12.06 7.14 -8.83
N VAL C 103 10.94 7.81 -9.12
CA VAL C 103 9.94 7.27 -10.03
C VAL C 103 9.67 8.13 -11.24
N VAL C 104 10.04 9.41 -11.25
CA VAL C 104 9.92 10.25 -12.42
C VAL C 104 11.32 10.64 -12.90
N THR C 105 11.39 11.14 -14.13
CA THR C 105 12.66 11.45 -14.79
C THR C 105 13.29 12.76 -14.30
N THR C 106 12.74 13.34 -13.23
CA THR C 106 13.28 14.57 -12.63
C THR C 106 13.21 14.38 -11.11
N PRO C 107 13.87 15.23 -10.32
CA PRO C 107 13.84 15.04 -8.86
C PRO C 107 12.43 15.02 -8.31
N ASP C 108 12.17 14.07 -7.39
CA ASP C 108 10.86 13.96 -6.76
C ASP C 108 10.97 13.98 -5.24
N TRP C 109 11.43 12.88 -4.65
CA TRP C 109 11.65 12.81 -3.21
C TRP C 109 13.04 12.24 -2.92
N PHE C 110 13.41 12.25 -1.66
CA PHE C 110 14.75 11.89 -1.22
C PHE C 110 14.71 10.55 -0.48
N ASP C 111 15.42 9.56 -1.03
CA ASP C 111 15.49 8.22 -0.44
C ASP C 111 16.59 7.42 -1.11
N PRO C 112 17.62 6.99 -0.37
CA PRO C 112 17.79 7.25 1.06
C PRO C 112 18.58 8.53 1.34
N TRP C 113 18.77 8.83 2.62
CA TRP C 113 19.58 9.95 3.07
C TRP C 113 20.86 9.44 3.69
N GLY C 114 21.90 10.28 3.66
CA GLY C 114 23.08 10.04 4.46
C GLY C 114 22.78 10.35 5.92
N PRO C 115 23.68 9.98 6.83
CA PRO C 115 23.44 10.26 8.25
C PRO C 115 23.50 11.74 8.58
N GLY C 116 24.17 12.56 7.75
CA GLY C 116 24.23 13.99 7.99
C GLY C 116 25.54 14.42 8.62
N ALA C 117 26.05 15.57 8.18
CA ALA C 117 27.28 16.14 8.72
C ALA C 117 26.97 17.52 9.28
N LEU C 118 27.18 17.69 10.58
CA LEU C 118 26.98 18.99 11.22
C LEU C 118 28.17 19.88 10.92
N VAL C 119 27.90 21.05 10.37
CA VAL C 119 28.92 22.05 10.09
C VAL C 119 28.62 23.29 10.93
N THR C 120 29.61 23.78 11.67
CA THR C 120 29.48 24.95 12.51
C THR C 120 30.30 26.09 11.91
N VAL C 121 29.64 27.20 11.63
CA VAL C 121 30.32 28.39 11.13
C VAL C 121 30.70 29.25 12.34
N SER C 122 32.00 29.35 12.61
CA SER C 122 32.48 30.02 13.81
C SER C 122 33.96 30.34 13.64
N ALA C 123 34.39 31.41 14.32
CA ALA C 123 35.80 31.75 14.38
C ALA C 123 36.54 31.02 15.50
N ALA C 124 35.82 30.38 16.41
CA ALA C 124 36.44 29.67 17.52
C ALA C 124 37.25 28.49 17.01
N SER C 125 38.14 28.00 17.86
N SER C 125 38.14 28.00 17.86
CA SER C 125 39.03 26.91 17.52
CA SER C 125 39.04 26.92 17.54
C SER C 125 38.54 25.59 18.10
C SER C 125 38.52 25.60 18.09
N THR C 126 38.96 24.51 17.48
CA THR C 126 38.57 23.17 17.92
C THR C 126 39.18 22.86 19.28
N LYS C 127 38.43 22.15 20.13
CA LYS C 127 38.94 21.66 21.40
C LYS C 127 38.31 20.32 21.71
N GLY C 128 39.15 19.33 22.02
CA GLY C 128 38.68 18.01 22.39
C GLY C 128 38.16 17.98 23.81
N PRO C 129 37.26 17.06 24.09
CA PRO C 129 36.62 17.02 25.41
C PRO C 129 37.44 16.26 26.43
N SER C 130 37.16 16.56 27.70
CA SER C 130 37.57 15.71 28.81
C SER C 130 36.43 14.76 29.15
N VAL C 131 36.78 13.53 29.50
CA VAL C 131 35.79 12.49 29.80
C VAL C 131 36.00 12.05 31.24
N PHE C 132 35.02 12.34 32.09
CA PHE C 132 35.07 11.96 33.49
C PHE C 132 33.95 10.99 33.82
N PRO C 133 34.19 10.02 34.70
CA PRO C 133 33.14 9.06 35.04
C PRO C 133 32.17 9.62 36.07
N LEU C 134 30.92 9.18 35.96
CA LEU C 134 29.88 9.44 36.95
C LEU C 134 29.65 8.13 37.69
N ALA C 135 30.29 8.00 38.86
CA ALA C 135 30.35 6.71 39.54
C ALA C 135 29.00 6.38 40.17
N PRO C 136 28.54 5.12 40.09
CA PRO C 136 27.28 4.67 40.68
C PRO C 136 27.37 4.52 42.20
N GLY C 144 16.92 -1.22 43.71
CA GLY C 144 17.72 -2.26 43.08
C GLY C 144 18.36 -1.84 41.77
N THR C 145 18.08 -0.60 41.36
CA THR C 145 18.60 -0.05 40.11
C THR C 145 19.61 1.04 40.44
N ALA C 146 20.75 1.01 39.76
CA ALA C 146 21.82 1.99 39.94
C ALA C 146 22.05 2.75 38.64
N ALA C 147 22.34 4.04 38.76
CA ALA C 147 22.64 4.89 37.63
C ALA C 147 24.12 5.23 37.62
N LEU C 148 24.74 5.16 36.43
CA LEU C 148 26.12 5.54 36.22
C LEU C 148 26.22 6.26 34.89
N GLY C 149 27.34 6.92 34.65
CA GLY C 149 27.45 7.67 33.41
C GLY C 149 28.84 8.20 33.14
N CYS C 150 28.90 9.08 32.14
CA CYS C 150 30.14 9.75 31.78
C CYS C 150 29.84 11.22 31.50
N LEU C 151 30.76 12.09 31.93
CA LEU C 151 30.66 13.53 31.71
C LEU C 151 31.67 13.92 30.65
N VAL C 152 31.17 14.47 29.55
CA VAL C 152 31.98 14.86 28.39
C VAL C 152 32.03 16.38 28.38
N LYS C 153 33.12 16.94 28.88
CA LYS C 153 33.16 18.36 29.25
C LYS C 153 34.15 19.14 28.40
N ASP C 154 33.77 20.38 28.08
CA ASP C 154 34.65 21.39 27.49
C ASP C 154 35.18 21.00 26.12
N TYR C 155 34.30 20.89 25.13
CA TYR C 155 34.70 20.60 23.76
C TYR C 155 34.06 21.59 22.81
N PHE C 156 34.63 21.68 21.61
CA PHE C 156 34.10 22.53 20.56
C PHE C 156 34.68 22.07 19.24
N PRO C 157 33.88 21.97 18.17
CA PRO C 157 32.44 22.22 18.21
C PRO C 157 31.65 20.92 18.41
N GLU C 158 30.33 21.00 18.25
CA GLU C 158 29.53 19.80 18.17
C GLU C 158 29.86 19.05 16.88
N PRO C 159 29.60 17.73 16.83
CA PRO C 159 29.00 16.88 17.85
C PRO C 159 29.99 15.92 18.50
N VAL C 160 29.55 15.27 19.58
CA VAL C 160 30.22 14.09 20.11
C VAL C 160 29.21 12.95 20.10
N THR C 161 29.72 11.74 19.88
CA THR C 161 28.92 10.54 20.00
C THR C 161 29.38 9.75 21.22
N VAL C 162 28.42 9.14 21.91
CA VAL C 162 28.71 8.32 23.08
C VAL C 162 28.01 6.98 22.91
N SER C 163 28.76 5.89 23.11
CA SER C 163 28.20 4.56 23.17
C SER C 163 28.66 3.91 24.48
N TRP C 164 28.00 2.81 24.84
CA TRP C 164 28.31 2.10 26.06
C TRP C 164 28.64 0.66 25.74
N ASN C 165 29.80 0.20 26.22
CA ASN C 165 30.30 -1.14 25.96
C ASN C 165 30.32 -1.43 24.46
N SER C 166 30.88 -0.49 23.70
CA SER C 166 31.02 -0.60 22.25
C SER C 166 29.69 -0.85 21.55
N GLY C 167 28.61 -0.30 22.10
CA GLY C 167 27.30 -0.45 21.52
C GLY C 167 26.50 -1.64 22.01
N ALA C 168 27.09 -2.51 22.83
CA ALA C 168 26.35 -3.65 23.34
C ALA C 168 25.29 -3.24 24.34
N LEU C 169 25.49 -2.13 25.03
CA LEU C 169 24.57 -1.64 26.05
C LEU C 169 23.83 -0.42 25.51
N THR C 170 22.54 -0.60 25.25
CA THR C 170 21.70 0.49 24.78
C THR C 170 20.44 0.71 25.62
N SER C 171 19.94 -0.30 26.31
CA SER C 171 18.74 -0.14 27.12
C SER C 171 19.04 0.69 28.36
N GLY C 172 18.18 1.67 28.64
CA GLY C 172 18.37 2.54 29.78
C GLY C 172 19.36 3.66 29.58
N VAL C 173 19.94 3.78 28.39
CA VAL C 173 20.92 4.83 28.11
C VAL C 173 20.19 6.13 27.79
N HIS C 174 20.64 7.23 28.40
CA HIS C 174 20.15 8.57 28.07
C HIS C 174 21.36 9.45 27.84
N THR C 175 21.60 9.83 26.58
CA THR C 175 22.67 10.77 26.23
C THR C 175 22.03 12.14 26.03
N PHE C 176 22.33 13.07 26.93
CA PHE C 176 21.65 14.35 26.97
C PHE C 176 22.16 15.30 25.89
N PRO C 177 21.30 16.17 25.38
CA PRO C 177 21.78 17.21 24.46
C PRO C 177 22.85 18.06 25.11
N ALA C 178 23.84 18.45 24.31
CA ALA C 178 24.92 19.28 24.83
C ALA C 178 24.39 20.65 25.22
N VAL C 179 24.98 21.21 26.27
CA VAL C 179 24.70 22.58 26.70
C VAL C 179 25.93 23.42 26.41
N LEU C 180 25.71 24.62 25.87
CA LEU C 180 26.79 25.57 25.65
C LEU C 180 27.05 26.30 26.95
N GLN C 181 28.23 26.10 27.53
CA GLN C 181 28.57 26.74 28.78
C GLN C 181 28.91 28.22 28.55
N SER C 182 28.97 28.97 29.64
CA SER C 182 29.31 30.39 29.55
C SER C 182 30.68 30.61 28.93
N SER C 183 31.56 29.63 29.04
CA SER C 183 32.91 29.71 28.48
C SER C 183 32.95 29.51 26.97
N GLY C 184 31.80 29.31 26.33
CA GLY C 184 31.78 29.02 24.91
C GLY C 184 32.14 27.60 24.54
N LEU C 185 32.23 26.70 25.51
CA LEU C 185 32.53 25.30 25.28
C LEU C 185 31.32 24.45 25.62
N TYR C 186 31.13 23.37 24.86
CA TYR C 186 30.02 22.47 25.10
C TYR C 186 30.35 21.47 26.20
N SER C 187 29.30 20.92 26.79
CA SER C 187 29.43 19.83 27.76
C SER C 187 28.15 19.04 27.76
N LEU C 188 28.28 17.71 27.90
CA LEU C 188 27.11 16.86 28.04
C LEU C 188 27.46 15.67 28.92
N SER C 189 26.43 14.94 29.31
CA SER C 189 26.57 13.71 30.06
C SER C 189 25.78 12.61 29.38
N SER C 190 26.24 11.38 29.55
CA SER C 190 25.53 10.19 29.10
C SER C 190 25.39 9.28 30.31
N VAL C 191 24.17 8.82 30.57
CA VAL C 191 23.90 7.98 31.74
C VAL C 191 23.23 6.69 31.30
N VAL C 192 23.25 5.71 32.19
CA VAL C 192 22.58 4.44 31.98
C VAL C 192 22.22 3.85 33.34
N THR C 193 21.01 3.30 33.43
CA THR C 193 20.55 2.62 34.64
C THR C 193 20.74 1.12 34.47
N VAL C 194 21.31 0.48 35.48
CA VAL C 194 21.64 -0.95 35.43
C VAL C 194 21.25 -1.60 36.75
N PRO C 195 21.13 -2.92 36.78
CA PRO C 195 20.94 -3.61 38.06
C PRO C 195 22.10 -3.32 39.01
N SER C 196 21.75 -3.03 40.26
CA SER C 196 22.78 -2.72 41.26
C SER C 196 23.72 -3.90 41.49
N SER C 197 23.20 -5.13 41.39
CA SER C 197 24.03 -6.30 41.61
C SER C 197 25.10 -6.47 40.55
N SER C 198 24.94 -5.84 39.39
CA SER C 198 25.89 -5.98 38.30
C SER C 198 27.13 -5.11 38.46
N LEU C 199 27.13 -4.16 39.40
CA LEU C 199 28.22 -3.20 39.50
C LEU C 199 29.55 -3.88 39.86
N GLY C 200 29.51 -4.93 40.68
CA GLY C 200 30.72 -5.62 41.03
C GLY C 200 31.18 -6.67 40.03
N THR C 201 30.31 -7.08 39.11
CA THR C 201 30.61 -8.17 38.18
C THR C 201 30.64 -7.76 36.72
N GLN C 202 30.04 -6.63 36.34
CA GLN C 202 29.93 -6.22 34.95
C GLN C 202 30.71 -4.94 34.72
N THR C 203 31.56 -4.95 33.69
CA THR C 203 32.32 -3.77 33.33
C THR C 203 31.47 -2.83 32.47
N TYR C 204 31.54 -1.54 32.78
CA TYR C 204 30.81 -0.52 32.04
C TYR C 204 31.81 0.52 31.54
N ILE C 205 31.86 0.72 30.23
CA ILE C 205 32.80 1.63 29.61
C ILE C 205 32.03 2.56 28.67
N CYS C 206 32.28 3.86 28.75
CA CYS C 206 31.74 4.79 27.77
C CYS C 206 32.77 5.01 26.66
N ASN C 207 32.28 4.98 25.43
CA ASN C 207 33.07 5.20 24.23
C ASN C 207 32.68 6.57 23.67
N VAL C 208 33.59 7.53 23.79
CA VAL C 208 33.35 8.92 23.40
C VAL C 208 34.20 9.21 22.17
N ASN C 209 33.57 9.78 21.14
CA ASN C 209 34.25 10.15 19.91
C ASN C 209 33.93 11.59 19.58
N HIS C 210 34.97 12.41 19.42
CA HIS C 210 34.84 13.79 18.96
C HIS C 210 35.66 13.90 17.68
N LYS C 211 34.98 13.72 16.54
CA LYS C 211 35.66 13.75 15.26
C LYS C 211 36.34 15.07 14.95
N PRO C 212 35.76 16.25 15.23
CA PRO C 212 36.47 17.50 14.91
C PRO C 212 37.87 17.61 15.50
N SER C 213 38.12 16.97 16.64
CA SER C 213 39.44 17.00 17.27
C SER C 213 40.14 15.66 17.20
N ASN C 214 39.55 14.67 16.52
N ASN C 214 39.56 14.67 16.52
CA ASN C 214 40.10 13.32 16.45
CA ASN C 214 40.12 13.32 16.45
C ASN C 214 40.34 12.74 17.84
C ASN C 214 40.34 12.74 17.84
N THR C 215 39.38 12.96 18.73
CA THR C 215 39.44 12.48 20.10
C THR C 215 38.59 11.23 20.24
N LYS C 216 39.22 10.14 20.68
CA LYS C 216 38.53 8.89 20.97
C LYS C 216 38.96 8.43 22.35
N VAL C 217 38.01 8.36 23.28
CA VAL C 217 38.28 8.02 24.67
C VAL C 217 37.37 6.88 25.09
N ASP C 218 37.96 5.86 25.70
CA ASP C 218 37.21 4.79 26.36
C ASP C 218 37.46 4.91 27.86
N LYS C 219 36.42 5.17 28.62
CA LYS C 219 36.53 5.42 30.05
C LYS C 219 35.75 4.36 30.81
N LYS C 220 36.46 3.55 31.59
CA LYS C 220 35.80 2.60 32.47
C LYS C 220 35.20 3.32 33.66
N VAL C 221 33.93 3.07 33.92
CA VAL C 221 33.20 3.68 35.03
C VAL C 221 33.15 2.67 36.16
N GLU C 222 33.95 2.89 37.20
CA GLU C 222 34.00 1.93 38.30
C GLU C 222 33.12 2.40 39.46
N PRO C 223 32.55 1.46 40.21
CA PRO C 223 31.67 1.84 41.32
C PRO C 223 32.43 2.62 42.40
N LYS C 224 31.69 3.46 43.11
CA LYS C 224 32.26 4.26 44.19
C LYS C 224 32.53 3.40 45.42
N ASP D 1 8.35 30.49 -6.62
CA ASP D 1 8.45 29.38 -5.68
C ASP D 1 7.07 28.93 -5.22
N ILE D 2 6.97 27.68 -4.77
CA ILE D 2 5.75 27.12 -4.22
C ILE D 2 5.96 26.94 -2.73
N GLN D 3 5.12 27.60 -1.93
CA GLN D 3 5.22 27.57 -0.48
C GLN D 3 4.27 26.52 0.09
N MET D 4 4.76 25.71 1.01
CA MET D 4 3.96 24.70 1.69
C MET D 4 3.65 25.18 3.11
N THR D 5 2.36 25.23 3.44
CA THR D 5 1.90 25.63 4.76
C THR D 5 1.52 24.39 5.54
N GLN D 6 2.35 24.03 6.51
CA GLN D 6 2.16 22.82 7.30
C GLN D 6 1.48 23.16 8.63
N SER D 7 0.40 22.45 8.93
CA SER D 7 -0.42 22.71 10.10
C SER D 7 -0.91 21.40 10.71
N PRO D 8 -0.85 21.26 12.04
CA PRO D 8 -0.29 22.25 12.98
C PRO D 8 1.23 22.16 13.06
N SER D 9 1.88 23.08 13.76
CA SER D 9 3.33 23.01 13.92
C SER D 9 3.73 22.19 15.14
N SER D 10 2.84 22.04 16.12
CA SER D 10 3.06 21.18 17.27
C SER D 10 1.73 20.54 17.65
N LEU D 11 1.81 19.33 18.21
CA LEU D 11 0.61 18.67 18.71
C LEU D 11 1.03 17.57 19.68
N SER D 12 0.13 17.25 20.61
CA SER D 12 0.33 16.18 21.56
C SER D 12 -0.94 15.33 21.64
N ALA D 13 -0.76 14.02 21.76
CA ALA D 13 -1.89 13.11 21.89
C ALA D 13 -1.44 11.90 22.69
N SER D 14 -2.43 11.10 23.09
CA SER D 14 -2.16 9.91 23.90
C SER D 14 -1.99 8.69 23.00
N VAL D 15 -1.52 7.59 23.60
CA VAL D 15 -1.28 6.38 22.84
C VAL D 15 -2.60 5.86 22.27
N GLY D 16 -2.56 5.45 21.00
CA GLY D 16 -3.75 4.97 20.31
C GLY D 16 -4.61 6.04 19.70
N ASP D 17 -4.27 7.32 19.89
CA ASP D 17 -5.08 8.40 19.35
C ASP D 17 -4.82 8.60 17.87
N ARG D 18 -5.81 9.17 17.19
CA ARG D 18 -5.68 9.57 15.80
C ARG D 18 -5.17 11.00 15.73
N VAL D 19 -4.11 11.22 14.95
CA VAL D 19 -3.59 12.56 14.73
C VAL D 19 -3.57 12.84 13.24
N THR D 20 -3.76 14.10 12.88
CA THR D 20 -3.86 14.51 11.48
C THR D 20 -3.07 15.79 11.27
N ILE D 21 -2.20 15.79 10.27
CA ILE D 21 -1.44 16.95 9.85
C ILE D 21 -1.85 17.28 8.42
N THR D 22 -1.96 18.57 8.12
CA THR D 22 -2.28 19.03 6.77
C THR D 22 -1.17 19.91 6.23
N CYS D 23 -0.99 19.85 4.92
CA CYS D 23 -0.11 20.79 4.23
C CYS D 23 -0.87 21.43 3.08
N GLN D 24 -0.66 22.73 2.89
CA GLN D 24 -1.38 23.52 1.91
C GLN D 24 -0.37 24.11 0.94
N ALA D 25 -0.49 23.76 -0.33
CA ALA D 25 0.38 24.28 -1.37
C ALA D 25 -0.15 25.59 -1.90
N SER D 26 0.75 26.52 -2.21
CA SER D 26 0.37 27.82 -2.75
C SER D 26 -0.04 27.73 -4.21
N GLN D 27 0.33 26.65 -4.90
CA GLN D 27 -0.10 26.40 -6.27
C GLN D 27 -0.51 24.93 -6.38
N ASP D 28 -1.19 24.60 -7.47
CA ASP D 28 -1.53 23.20 -7.74
C ASP D 28 -0.25 22.40 -7.98
N ILE D 29 -0.11 21.29 -7.27
CA ILE D 29 1.07 20.44 -7.40
C ILE D 29 0.63 19.00 -7.65
N ARG D 30 -0.61 18.82 -8.10
CA ARG D 30 -1.17 17.50 -8.36
C ARG D 30 -1.04 16.62 -7.12
N ASN D 31 -0.34 15.49 -7.25
CA ASN D 31 -0.07 14.60 -6.12
C ASN D 31 1.43 14.54 -5.80
N TYR D 32 2.19 15.54 -6.22
CA TYR D 32 3.65 15.53 -6.02
C TYR D 32 3.98 16.07 -4.64
N LEU D 33 3.61 15.28 -3.63
CA LEU D 33 3.69 15.69 -2.23
C LEU D 33 4.10 14.49 -1.40
N ASN D 34 5.18 14.62 -0.64
CA ASN D 34 5.74 13.52 0.14
C ASN D 34 5.82 13.91 1.61
N TRP D 35 5.94 12.89 2.46
CA TRP D 35 5.98 13.06 3.92
C TRP D 35 7.18 12.33 4.49
N TYR D 36 7.95 13.04 5.32
CA TYR D 36 9.13 12.48 5.98
C TYR D 36 8.93 12.43 7.49
N GLN D 37 9.59 11.48 8.13
CA GLN D 37 9.65 11.40 9.58
C GLN D 37 11.10 11.58 10.02
N GLN D 38 11.32 12.43 11.03
CA GLN D 38 12.66 12.70 11.52
C GLN D 38 12.67 12.60 13.04
N ARG D 39 13.49 11.70 13.57
CA ARG D 39 13.73 11.59 15.00
C ARG D 39 14.91 12.46 15.41
N PRO D 40 14.93 12.94 16.66
CA PRO D 40 16.02 13.82 17.09
C PRO D 40 17.38 13.19 16.88
N GLY D 41 18.30 13.95 16.32
CA GLY D 41 19.64 13.49 16.04
C GLY D 41 19.77 12.55 14.86
N LYS D 42 18.67 12.23 14.17
CA LYS D 42 18.69 11.28 13.08
C LYS D 42 18.29 11.97 11.78
N ALA D 43 18.68 11.36 10.67
CA ALA D 43 18.31 11.86 9.36
C ALA D 43 16.83 11.59 9.10
N PRO D 44 16.18 12.39 8.26
CA PRO D 44 14.78 12.15 7.93
C PRO D 44 14.62 10.84 7.16
N LYS D 45 13.41 10.29 7.25
CA LYS D 45 13.08 9.01 6.64
C LYS D 45 11.76 9.16 5.88
N LEU D 46 11.77 8.78 4.61
CA LEU D 46 10.56 8.89 3.80
C LEU D 46 9.52 7.88 4.27
N LEU D 47 8.31 8.37 4.56
CA LEU D 47 7.18 7.53 4.93
C LEU D 47 6.15 7.41 3.80
N ILE D 48 5.72 8.52 3.23
CA ILE D 48 4.66 8.54 2.23
C ILE D 48 5.14 9.33 1.02
N PHE D 49 4.99 8.74 -0.16
CA PHE D 49 5.34 9.40 -1.41
C PHE D 49 4.10 9.51 -2.30
N ASP D 50 4.09 10.56 -3.11
CA ASP D 50 2.98 10.84 -4.02
C ASP D 50 1.65 10.87 -3.27
N ALA D 51 1.66 11.60 -2.15
CA ALA D 51 0.48 11.95 -1.36
C ALA D 51 -0.09 10.80 -0.53
N SER D 52 -0.03 9.56 -1.04
CA SER D 52 -0.78 8.49 -0.38
C SER D 52 -0.09 7.14 -0.29
N ASN D 53 1.07 6.94 -0.88
CA ASN D 53 1.67 5.61 -0.97
C ASN D 53 2.71 5.40 0.12
N LEU D 54 2.67 4.22 0.74
CA LEU D 54 3.59 3.87 1.82
C LEU D 54 4.84 3.22 1.26
N GLU D 55 5.99 3.76 1.64
CA GLU D 55 7.26 3.12 1.29
C GLU D 55 7.45 1.88 2.15
N THR D 56 8.45 1.07 1.79
CA THR D 56 8.72 -0.17 2.51
C THR D 56 9.02 0.11 3.98
N GLY D 57 8.49 -0.75 4.86
CA GLY D 57 8.74 -0.64 6.28
C GLY D 57 7.90 0.40 7.00
N VAL D 58 6.88 0.95 6.36
CA VAL D 58 6.00 1.95 6.97
C VAL D 58 4.75 1.22 7.45
N PRO D 59 4.45 1.22 8.74
CA PRO D 59 3.27 0.50 9.24
C PRO D 59 1.98 1.10 8.70
N SER D 60 0.93 0.26 8.70
CA SER D 60 -0.33 0.61 8.09
C SER D 60 -1.09 1.70 8.83
N ARG D 61 -0.70 2.04 10.06
CA ARG D 61 -1.38 3.13 10.75
C ARG D 61 -1.10 4.49 10.12
N PHE D 62 -0.08 4.60 9.27
CA PHE D 62 0.20 5.82 8.54
C PHE D 62 -0.55 5.84 7.23
N SER D 63 -1.11 7.00 6.89
CA SER D 63 -1.80 7.17 5.62
C SER D 63 -1.74 8.62 5.21
N GLY D 64 -2.00 8.85 3.92
CA GLY D 64 -2.02 10.20 3.39
C GLY D 64 -3.05 10.31 2.29
N SER D 65 -3.49 11.53 2.04
CA SER D 65 -4.47 11.77 1.00
C SER D 65 -4.37 13.23 0.56
N GLY D 66 -4.93 13.50 -0.62
CA GLY D 66 -4.94 14.85 -1.14
C GLY D 66 -4.50 14.95 -2.58
N SER D 67 -4.86 16.06 -3.22
CA SER D 67 -4.48 16.35 -4.60
C SER D 67 -4.76 17.81 -4.87
N GLY D 68 -3.93 18.43 -5.69
CA GLY D 68 -4.08 19.84 -5.98
C GLY D 68 -3.33 20.72 -5.01
N THR D 69 -4.03 21.22 -3.99
CA THR D 69 -3.41 22.11 -3.01
C THR D 69 -3.67 21.72 -1.56
N HIS D 70 -4.56 20.77 -1.28
N HIS D 70 -4.56 20.77 -1.29
CA HIS D 70 -4.86 20.34 0.07
CA HIS D 70 -4.88 20.33 0.06
C HIS D 70 -4.42 18.90 0.27
C HIS D 70 -4.39 18.89 0.25
N PHE D 71 -3.60 18.67 1.30
CA PHE D 71 -3.05 17.35 1.57
C PHE D 71 -3.15 17.06 3.06
N THR D 72 -3.28 15.79 3.41
N THR D 72 -3.32 15.79 3.40
CA THR D 72 -3.48 15.35 4.78
CA THR D 72 -3.45 15.36 4.79
C THR D 72 -2.60 14.15 5.09
C THR D 72 -2.54 14.18 5.06
N PHE D 73 -2.02 14.13 6.29
CA PHE D 73 -1.19 13.04 6.77
C PHE D 73 -1.76 12.59 8.10
N THR D 74 -2.02 11.28 8.25
CA THR D 74 -2.75 10.76 9.39
C THR D 74 -2.06 9.56 9.99
N ILE D 75 -1.94 9.55 11.32
CA ILE D 75 -1.55 8.38 12.09
C ILE D 75 -2.79 7.92 12.84
N SER D 76 -3.30 6.74 12.49
CA SER D 76 -4.59 6.32 13.02
C SER D 76 -4.52 5.92 14.49
N SER D 77 -3.37 5.43 14.94
CA SER D 77 -3.20 4.98 16.32
C SER D 77 -1.78 5.36 16.76
N LEU D 78 -1.66 6.52 17.39
CA LEU D 78 -0.35 7.06 17.75
C LEU D 78 0.38 6.13 18.71
N GLN D 79 1.60 5.78 18.36
CA GLN D 79 2.45 4.90 19.16
C GLN D 79 3.64 5.68 19.72
N PRO D 80 4.21 5.23 20.83
CA PRO D 80 5.37 5.94 21.40
C PRO D 80 6.53 6.09 20.43
N GLU D 81 6.73 5.14 19.52
CA GLU D 81 7.80 5.25 18.53
C GLU D 81 7.50 6.27 17.44
N ASP D 82 6.26 6.75 17.34
CA ASP D 82 5.91 7.75 16.33
C ASP D 82 6.24 9.17 16.78
N ILE D 83 6.72 9.36 18.01
CA ILE D 83 7.15 10.67 18.48
C ILE D 83 8.32 11.14 17.63
N ALA D 84 8.10 12.19 16.83
CA ALA D 84 9.10 12.68 15.90
C ALA D 84 8.60 14.00 15.32
N THR D 85 9.41 14.57 14.42
CA THR D 85 9.02 15.73 13.63
C THR D 85 8.72 15.26 12.21
N TYR D 86 7.62 15.74 11.64
CA TYR D 86 7.17 15.33 10.32
C TYR D 86 7.19 16.54 9.38
N TYR D 87 7.57 16.28 8.12
CA TYR D 87 7.70 17.33 7.13
C TYR D 87 6.98 16.93 5.85
N CYS D 88 6.27 17.87 5.24
CA CYS D 88 5.82 17.67 3.87
C CYS D 88 6.84 18.26 2.90
N GLN D 89 6.71 17.88 1.63
CA GLN D 89 7.68 18.27 0.61
C GLN D 89 7.04 18.10 -0.75
N GLN D 90 6.97 19.19 -1.51
CA GLN D 90 6.45 19.18 -2.87
C GLN D 90 7.59 19.16 -3.87
N TYR D 91 7.35 18.52 -5.02
CA TYR D 91 8.29 18.60 -6.13
C TYR D 91 7.60 19.02 -7.43
N GLY D 92 6.47 19.72 -7.32
CA GLY D 92 5.87 20.28 -8.53
C GLY D 92 6.76 21.30 -9.21
N GLU D 93 7.49 22.08 -8.43
CA GLU D 93 8.42 23.06 -8.97
C GLU D 93 9.62 23.15 -8.03
N LEU D 94 10.77 22.65 -8.49
CA LEU D 94 11.95 22.51 -7.65
C LEU D 94 11.58 21.74 -6.37
N ILE D 95 12.12 22.13 -5.22
CA ILE D 95 11.87 21.42 -3.97
C ILE D 95 11.67 22.42 -2.84
N THR D 96 10.54 22.32 -2.14
CA THR D 96 10.30 23.09 -0.92
C THR D 96 9.64 22.19 0.12
N PHE D 97 9.93 22.47 1.38
CA PHE D 97 9.39 21.74 2.51
C PHE D 97 8.39 22.59 3.28
N GLY D 98 7.47 21.92 3.96
CA GLY D 98 6.68 22.58 4.98
C GLY D 98 7.49 22.86 6.22
N GLY D 99 6.93 23.68 7.11
CA GLY D 99 7.65 24.11 8.30
C GLY D 99 7.90 23.01 9.31
N GLY D 100 7.17 21.91 9.21
CA GLY D 100 7.35 20.79 10.12
C GLY D 100 6.28 20.73 11.20
N THR D 101 6.17 19.55 11.82
CA THR D 101 5.25 19.33 12.92
C THR D 101 5.91 18.37 13.90
N ASN D 102 6.16 18.84 15.12
CA ASN D 102 6.68 17.97 16.17
C ASN D 102 5.50 17.32 16.89
N VAL D 103 5.48 16.00 16.91
CA VAL D 103 4.40 15.22 17.51
C VAL D 103 4.91 14.66 18.82
N GLN D 104 4.27 15.07 19.92
CA GLN D 104 4.61 14.59 21.25
C GLN D 104 3.48 13.71 21.77
N MET D 105 3.78 12.97 22.84
CA MET D 105 2.83 12.05 23.43
C MET D 105 2.46 12.51 24.84
N LYS D 106 1.17 12.60 25.11
CA LYS D 106 0.66 12.80 26.46
C LYS D 106 0.50 11.45 27.14
N ARG D 107 0.89 11.38 28.41
CA ARG D 107 0.81 10.14 29.17
C ARG D 107 0.55 10.48 30.63
N THR D 108 0.45 9.43 31.44
CA THR D 108 0.19 9.62 32.86
C THR D 108 1.39 10.23 33.56
N VAL D 109 1.12 10.94 34.66
CA VAL D 109 2.18 11.55 35.43
C VAL D 109 3.11 10.46 35.97
N ALA D 110 4.41 10.70 35.87
CA ALA D 110 5.43 9.80 36.39
C ALA D 110 6.48 10.60 37.14
N ALA D 111 6.75 10.21 38.38
CA ALA D 111 7.75 10.89 39.19
C ALA D 111 9.15 10.51 38.74
N PRO D 112 10.10 11.43 38.86
CA PRO D 112 11.50 11.09 38.53
C PRO D 112 12.17 10.29 39.64
N SER D 113 13.11 9.45 39.24
CA SER D 113 14.07 8.87 40.16
C SER D 113 15.32 9.74 40.14
N VAL D 114 15.69 10.25 41.31
CA VAL D 114 16.71 11.29 41.42
C VAL D 114 18.01 10.67 41.91
N PHE D 115 19.09 10.94 41.18
CA PHE D 115 20.43 10.50 41.55
C PHE D 115 21.36 11.71 41.59
N ILE D 116 22.40 11.61 42.42
CA ILE D 116 23.42 12.65 42.50
C ILE D 116 24.78 12.01 42.37
N PHE D 117 25.68 12.69 41.64
CA PHE D 117 27.03 12.19 41.38
C PHE D 117 28.05 13.21 41.85
N PRO D 118 28.89 12.88 42.82
CA PRO D 118 30.00 13.77 43.18
C PRO D 118 31.03 13.84 42.06
N PRO D 119 31.91 14.84 42.07
CA PRO D 119 32.93 14.92 41.02
C PRO D 119 33.89 13.74 41.10
N SER D 120 34.42 13.36 39.94
CA SER D 120 35.36 12.25 39.87
C SER D 120 36.72 12.67 40.43
N ASP D 121 37.50 11.66 40.84
CA ASP D 121 38.87 11.93 41.27
C ASP D 121 39.72 12.46 40.13
N GLU D 122 39.44 12.04 38.89
CA GLU D 122 40.19 12.52 37.74
C GLU D 122 39.96 14.00 37.52
N GLN D 123 38.71 14.45 37.60
CA GLN D 123 38.42 15.88 37.40
C GLN D 123 38.96 16.71 38.55
N LEU D 124 38.86 16.20 39.78
CA LEU D 124 39.40 16.93 40.92
C LEU D 124 40.90 17.12 40.78
N LYS D 125 41.60 16.12 40.27
CA LYS D 125 43.05 16.23 40.06
C LYS D 125 43.40 17.35 39.08
N SER D 126 42.47 17.74 38.22
CA SER D 126 42.70 18.81 37.26
C SER D 126 42.30 20.18 37.79
N GLY D 127 41.71 20.25 38.98
CA GLY D 127 41.39 21.52 39.61
C GLY D 127 39.96 21.99 39.46
N THR D 128 39.04 21.13 39.04
CA THR D 128 37.64 21.49 38.83
C THR D 128 36.75 20.41 39.45
N ALA D 129 35.57 20.82 39.92
CA ALA D 129 34.61 19.91 40.52
C ALA D 129 33.24 20.12 39.89
N SER D 130 32.76 19.11 39.17
CA SER D 130 31.42 19.11 38.58
C SER D 130 30.55 18.13 39.37
N VAL D 131 29.43 18.61 39.89
CA VAL D 131 28.45 17.79 40.58
C VAL D 131 27.21 17.68 39.71
N VAL D 132 26.75 16.45 39.49
CA VAL D 132 25.67 16.17 38.54
C VAL D 132 24.50 15.58 39.29
N CYS D 133 23.30 16.10 39.01
CA CYS D 133 22.05 15.59 39.55
C CYS D 133 21.20 15.09 38.39
N LEU D 134 20.77 13.83 38.48
CA LEU D 134 20.03 13.17 37.40
C LEU D 134 18.59 12.95 37.80
N LEU D 135 17.66 13.36 36.93
CA LEU D 135 16.24 13.09 37.07
C LEU D 135 15.85 12.16 35.93
N ASN D 136 15.48 10.92 36.27
CA ASN D 136 15.34 9.86 35.27
C ASN D 136 13.86 9.52 35.07
N ASN D 137 13.41 9.63 33.82
CA ASN D 137 12.15 9.06 33.34
C ASN D 137 10.95 9.61 34.12
N PHE D 138 10.66 10.89 33.89
CA PHE D 138 9.55 11.56 34.51
C PHE D 138 8.63 12.18 33.46
N TYR D 139 7.40 12.48 33.88
CA TYR D 139 6.41 13.16 33.06
C TYR D 139 5.44 13.87 33.99
N PRO D 140 5.05 15.12 33.70
CA PRO D 140 5.40 15.91 32.49
C PRO D 140 6.80 16.51 32.51
N ARG D 141 7.08 17.32 31.48
CA ARG D 141 8.43 17.84 31.27
C ARG D 141 8.81 18.86 32.33
N GLU D 142 7.83 19.55 32.93
CA GLU D 142 8.14 20.61 33.89
C GLU D 142 8.73 20.01 35.16
N ALA D 143 9.89 20.53 35.56
CA ALA D 143 10.55 20.11 36.79
C ALA D 143 11.46 21.24 37.26
N LYS D 144 11.63 21.33 38.57
CA LYS D 144 12.45 22.34 39.20
C LYS D 144 13.59 21.67 39.98
N VAL D 145 14.83 21.99 39.63
N VAL D 145 14.82 22.05 39.67
CA VAL D 145 15.99 21.52 40.37
CA VAL D 145 16.01 21.54 40.34
C VAL D 145 16.64 22.73 41.03
C VAL D 145 16.73 22.70 40.99
N GLN D 146 17.00 22.58 42.29
CA GLN D 146 17.65 23.64 43.06
C GLN D 146 18.86 23.05 43.77
N TRP D 147 20.03 23.58 43.44
CA TRP D 147 21.26 23.16 44.10
C TRP D 147 21.43 23.87 45.43
N LYS D 148 21.83 23.13 46.45
CA LYS D 148 22.12 23.67 47.77
C LYS D 148 23.51 23.22 48.19
N VAL D 149 24.31 24.17 48.67
CA VAL D 149 25.64 23.90 49.18
C VAL D 149 25.67 24.37 50.63
N ASP D 150 25.72 23.43 51.57
CA ASP D 150 25.59 23.72 52.99
C ASP D 150 24.31 24.52 53.26
N ASN D 151 23.22 24.08 52.64
CA ASN D 151 21.90 24.69 52.72
C ASN D 151 21.85 26.09 52.10
N ALA D 152 22.93 26.54 51.45
CA ALA D 152 22.93 27.82 50.76
C ALA D 152 22.50 27.60 49.32
N LEU D 153 21.41 28.25 48.92
CA LEU D 153 20.86 28.04 47.58
C LEU D 153 21.82 28.62 46.54
N GLN D 154 22.08 27.83 45.49
CA GLN D 154 23.04 28.19 44.46
C GLN D 154 22.36 28.89 43.29
N SER D 155 23.12 29.76 42.62
CA SER D 155 22.61 30.55 41.50
C SER D 155 23.72 30.85 40.52
N GLY D 156 23.41 30.71 39.23
CA GLY D 156 24.31 31.12 38.18
C GLY D 156 25.54 30.26 37.99
N ASN D 157 25.64 29.13 38.69
CA ASN D 157 26.77 28.22 38.53
C ASN D 157 26.33 26.82 38.12
N SER D 158 25.12 26.70 37.58
CA SER D 158 24.58 25.41 37.16
C SER D 158 24.02 25.53 35.75
N GLN D 159 23.90 24.39 35.09
CA GLN D 159 23.29 24.32 33.77
C GLN D 159 22.50 23.02 33.64
N GLU D 160 21.47 23.08 32.80
CA GLU D 160 20.45 22.04 32.72
C GLU D 160 20.33 21.53 31.29
N SER D 161 19.99 20.25 31.17
CA SER D 161 19.72 19.65 29.87
C SER D 161 18.62 18.60 30.00
N VAL D 162 17.68 18.62 29.06
CA VAL D 162 16.54 17.71 29.05
C VAL D 162 16.59 16.90 27.76
N THR D 163 16.41 15.58 27.89
CA THR D 163 16.35 14.72 26.71
C THR D 163 15.06 14.96 25.94
N GLU D 164 15.06 14.49 24.69
CA GLU D 164 13.82 14.40 23.94
C GLU D 164 12.93 13.31 24.55
N GLN D 165 11.66 13.33 24.17
CA GLN D 165 10.71 12.35 24.71
C GLN D 165 11.12 10.94 24.32
N ASP D 166 11.12 10.05 25.31
CA ASP D 166 11.62 8.70 25.10
C ASP D 166 10.72 7.92 24.14
N SER D 167 11.34 7.18 23.23
CA SER D 167 10.62 6.46 22.18
C SER D 167 9.83 5.27 22.70
N LYS D 168 10.02 4.87 23.96
CA LYS D 168 9.37 3.69 24.51
C LYS D 168 8.33 4.02 25.57
N ASP D 169 8.67 4.82 26.57
CA ASP D 169 7.74 5.13 27.66
C ASP D 169 7.30 6.58 27.70
N SER D 170 7.68 7.40 26.72
CA SER D 170 7.21 8.78 26.56
C SER D 170 7.62 9.70 27.70
N THR D 171 8.63 9.34 28.48
CA THR D 171 9.08 10.15 29.59
C THR D 171 10.25 11.04 29.18
N TYR D 172 10.61 11.95 30.09
CA TYR D 172 11.75 12.83 29.92
C TYR D 172 12.79 12.55 31.00
N SER D 173 14.02 12.91 30.70
CA SER D 173 15.10 12.86 31.69
C SER D 173 15.82 14.20 31.71
N LEU D 174 16.32 14.58 32.87
CA LEU D 174 16.96 15.88 33.07
C LEU D 174 18.30 15.68 33.76
N SER D 175 19.31 16.38 33.27
CA SER D 175 20.64 16.39 33.87
C SER D 175 21.03 17.83 34.17
N SER D 176 21.46 18.08 35.40
CA SER D 176 21.90 19.41 35.81
C SER D 176 23.27 19.30 36.46
N THR D 177 24.18 20.18 36.06
CA THR D 177 25.58 20.13 36.48
C THR D 177 25.91 21.39 37.27
N LEU D 178 26.36 21.22 38.51
CA LEU D 178 26.91 22.31 39.30
C LEU D 178 28.42 22.24 39.22
N THR D 179 29.05 23.33 38.78
CA THR D 179 30.49 23.36 38.53
C THR D 179 31.15 24.37 39.45
N LEU D 180 32.10 23.91 40.26
CA LEU D 180 32.90 24.76 41.11
C LEU D 180 34.37 24.45 40.88
N SER D 181 35.22 25.37 41.33
CA SER D 181 36.65 25.07 41.40
C SER D 181 36.91 24.05 42.49
N LYS D 182 38.03 23.35 42.38
CA LYS D 182 38.42 22.39 43.41
C LYS D 182 38.58 23.08 44.76
N ALA D 183 39.11 24.31 44.75
CA ALA D 183 39.27 25.05 46.01
C ALA D 183 37.93 25.41 46.62
N ASP D 184 37.00 25.91 45.81
CA ASP D 184 35.66 26.21 46.32
C ASP D 184 34.94 24.94 46.76
N TYR D 185 35.12 23.84 46.02
CA TYR D 185 34.46 22.59 46.37
C TYR D 185 34.90 22.11 47.75
N GLU D 186 36.18 22.23 48.06
CA GLU D 186 36.71 21.77 49.34
C GLU D 186 36.39 22.72 50.49
N LYS D 187 35.78 23.88 50.21
CA LYS D 187 35.36 24.80 51.26
C LYS D 187 34.01 24.44 51.87
N HIS D 188 33.36 23.39 51.39
CA HIS D 188 32.00 23.07 51.81
C HIS D 188 31.87 21.57 52.05
N LYS D 189 30.78 21.19 52.71
CA LYS D 189 30.54 19.81 53.10
C LYS D 189 29.33 19.20 52.40
N VAL D 190 28.14 19.78 52.57
CA VAL D 190 26.91 19.17 52.11
C VAL D 190 26.56 19.70 50.72
N TYR D 191 26.47 18.79 49.76
CA TYR D 191 26.05 19.12 48.40
C TYR D 191 24.73 18.41 48.11
N ALA D 192 23.72 19.17 47.71
CA ALA D 192 22.37 18.64 47.55
C ALA D 192 21.71 19.26 46.33
N CYS D 193 20.86 18.47 45.69
CA CYS D 193 19.93 18.96 44.67
C CYS D 193 18.52 18.62 45.12
N GLU D 194 17.66 19.64 45.15
CA GLU D 194 16.27 19.48 45.53
C GLU D 194 15.40 19.51 44.28
N VAL D 195 14.55 18.50 44.12
CA VAL D 195 13.75 18.30 42.92
C VAL D 195 12.29 18.56 43.25
N THR D 196 11.62 19.35 42.42
CA THR D 196 10.19 19.59 42.52
C THR D 196 9.54 19.14 41.22
N HIS D 197 8.55 18.25 41.34
CA HIS D 197 7.86 17.72 40.17
C HIS D 197 6.46 17.30 40.56
N GLN D 198 5.53 17.39 39.59
CA GLN D 198 4.12 17.11 39.87
C GLN D 198 3.93 15.70 40.42
N GLY D 199 4.74 14.74 40.00
CA GLY D 199 4.64 13.38 40.48
C GLY D 199 5.14 13.14 41.88
N LEU D 200 5.60 14.18 42.58
CA LEU D 200 6.11 14.07 43.93
C LEU D 200 5.21 14.85 44.88
N SER D 201 4.76 14.19 45.94
CA SER D 201 3.90 14.86 46.92
C SER D 201 4.64 15.97 47.65
N SER D 202 5.96 15.89 47.74
CA SER D 202 6.79 16.90 48.36
C SER D 202 8.16 16.85 47.70
N PRO D 203 8.92 17.95 47.76
CA PRO D 203 10.24 17.97 47.11
C PRO D 203 11.16 16.91 47.70
N VAL D 204 11.89 16.24 46.82
CA VAL D 204 12.87 15.23 47.22
C VAL D 204 14.27 15.85 47.13
N THR D 205 15.14 15.45 48.04
CA THR D 205 16.51 15.94 48.08
C THR D 205 17.47 14.76 48.12
N LYS D 206 18.38 14.71 47.16
CA LYS D 206 19.50 13.79 47.18
C LYS D 206 20.75 14.60 47.51
N SER D 207 21.59 14.05 48.39
CA SER D 207 22.74 14.80 48.87
C SER D 207 23.87 13.84 49.23
N PHE D 208 25.05 14.41 49.38
CA PHE D 208 26.21 13.70 49.90
C PHE D 208 27.06 14.69 50.67
N ASN D 209 27.87 14.16 51.58
CA ASN D 209 28.82 14.97 52.33
C ASN D 209 30.21 14.75 51.73
N ARG D 210 30.86 15.85 51.35
CA ARG D 210 32.23 15.77 50.89
C ARG D 210 33.13 15.33 52.05
N GLY D 211 33.79 14.19 51.88
CA GLY D 211 34.69 13.70 52.91
C GLY D 211 34.06 12.88 54.01
N GLU D 212 32.84 12.39 53.82
CA GLU D 212 32.19 11.56 54.83
C GLU D 212 31.19 10.64 54.16
N CYS D 213 31.18 9.39 54.60
CA CYS D 213 30.24 8.39 54.10
C CYS D 213 29.45 7.76 55.24
N LEU E 2 3.09 22.13 -10.31
CA LEU E 2 3.06 21.46 -11.60
C LEU E 2 1.66 21.02 -11.98
N ARG E 3 1.26 21.30 -13.22
CA ARG E 3 -0.05 20.91 -13.73
C ARG E 3 0.02 19.97 -14.93
N LYS E 4 1.02 20.12 -15.79
CA LYS E 4 1.26 19.15 -16.87
C LYS E 4 2.22 18.09 -16.37
N PRO E 5 1.85 16.80 -16.41
CA PRO E 5 2.48 15.82 -15.53
C PRO E 5 3.96 15.60 -15.82
N LYS E 6 4.66 15.15 -14.77
CA LYS E 6 6.02 14.66 -14.91
C LYS E 6 6.03 13.35 -15.70
N HIS E 7 7.19 13.02 -16.25
CA HIS E 7 7.35 11.81 -17.05
C HIS E 7 7.71 10.64 -16.13
N LYS E 8 6.99 9.54 -16.29
CA LYS E 8 7.33 8.33 -15.56
C LYS E 8 8.56 7.67 -16.18
N LYS E 9 9.37 7.05 -15.33
CA LYS E 9 10.61 6.43 -15.79
C LYS E 9 10.32 5.08 -16.45
N LEU E 10 11.00 4.83 -17.57
CA LEU E 10 10.94 3.53 -18.22
C LEU E 10 12.09 2.66 -17.72
N LYS E 11 11.83 1.35 -17.66
CA LYS E 11 12.89 0.41 -17.32
C LYS E 11 13.96 0.41 -18.39
N GLN E 12 15.22 0.42 -17.96
CA GLN E 12 16.34 0.45 -18.89
C GLN E 12 16.55 -0.91 -19.55
#